data_6OBD
#
_entry.id   6OBD
#
_cell.length_a   54.400
_cell.length_b   131.200
_cell.length_c   133.800
_cell.angle_alpha   90.000
_cell.angle_beta   90.000
_cell.angle_gamma   90.000
#
_symmetry.space_group_name_H-M   'P 21 21 21'
#
loop_
_entity.id
_entity.type
_entity.pdbx_description
1 polymer 'anti-GLD52 Fab light chain'
2 polymer 'anti-GLD52 Fab heavy chain'
3 polymer 'GLD52 peptide mimetic'
4 non-polymer 'ZINC ION'
5 non-polymer 'PHOSPHORIC ACID MONO-(2-AMINO-ETHYL) ESTER'
6 water water
#
loop_
_entity_poly.entity_id
_entity_poly.type
_entity_poly.pdbx_seq_one_letter_code
_entity_poly.pdbx_strand_id
1 'polypeptide(L)'
;DIVMTQTPLSLSVTPGQPASISCKSSQSLLYSNGKTYLNWVLQKPGQSPQRLIYLVSKLDSGVPDRFSGSGSGTDFTLKI
SRVEAEDVGVYYCVQGSHFHTFGQGTKLEIKRTVAAPSVFIFPPSDEQLKSGTASVVCLLNNFYPREAKVQWKVDNALQS
GNSQESVTEQDSKDSTYSLSSTLTLSKADYEKHKVYACEVTHQGLSSPVTKSFNRG
;
A,L
2 'polypeptide(L)'
;EVQLVESGGGLVQPGGSLRLSCAASGFPFSNYWMNWVRQAPGKGLEWVGQIRLKSNNYATHYAESVKGRFTISRDDSKNS
LYLQMNSLKTEDTAVYYCTPIDYWGQGTTVTVSSASTKGPSVFPLAPSSKSTSGGTAALGCLVKDYFPEPVTVSWNSGAL
TSGVHTFPAVLQSSGLYSLSSVVTVPSSSLGTQTYICNVNHKPSNTKVDKKVEPKS
;
B,H
3 'polypeptide(L)' NDTSQTSSPS E,F
#
loop_
_chem_comp.id
_chem_comp.type
_chem_comp.name
_chem_comp.formula
OPE non-polymer 'PHOSPHORIC ACID MONO-(2-AMINO-ETHYL) ESTER' 'C2 H8 N O4 P'
ZN non-polymer 'ZINC ION' 'Zn 2'
#
# COMPACT_ATOMS: atom_id res chain seq x y z
N ASP A 1 22.92 -24.15 -22.40
CA ASP A 1 22.35 -23.40 -21.23
C ASP A 1 23.36 -22.30 -20.82
N ILE A 2 22.87 -21.25 -20.17
CA ILE A 2 23.79 -20.20 -19.74
C ILE A 2 23.51 -19.93 -18.27
N VAL A 3 24.50 -20.17 -17.43
CA VAL A 3 24.29 -20.11 -15.98
C VAL A 3 24.70 -18.71 -15.60
N MET A 4 23.84 -18.04 -14.81
CA MET A 4 24.06 -16.69 -14.33
C MET A 4 24.48 -16.71 -12.87
N THR A 5 25.67 -16.17 -12.59
CA THR A 5 26.32 -16.13 -11.29
C THR A 5 26.27 -14.70 -10.75
N GLN A 6 25.44 -14.50 -9.73
CA GLN A 6 25.16 -13.17 -9.20
C GLN A 6 25.79 -13.08 -7.83
N THR A 7 26.48 -11.98 -7.55
CA THR A 7 27.05 -11.76 -6.21
C THR A 7 26.95 -10.26 -5.93
N PRO A 8 26.88 -9.84 -4.66
CA PRO A 8 26.77 -10.72 -3.51
C PRO A 8 25.33 -11.17 -3.37
N LEU A 9 25.07 -12.08 -2.45
CA LEU A 9 23.76 -12.53 -2.22
C LEU A 9 22.98 -11.52 -1.40
N SER A 10 23.68 -10.65 -0.68
CA SER A 10 22.96 -9.65 0.10
C SER A 10 23.78 -8.37 0.27
N LEU A 11 23.12 -7.26 0.46
CA LEU A 11 23.74 -5.99 0.53
C LEU A 11 23.02 -5.27 1.63
N SER A 12 23.76 -4.52 2.42
CA SER A 12 23.16 -3.72 3.48
C SER A 12 23.76 -2.34 3.33
N VAL A 13 22.96 -1.37 2.87
CA VAL A 13 23.56 -0.10 2.46
C VAL A 13 22.97 1.09 3.22
N THR A 14 23.81 1.99 3.73
CA THR A 14 23.30 3.25 4.35
C THR A 14 22.75 4.16 3.27
N PRO A 15 21.58 4.78 3.47
CA PRO A 15 21.11 5.72 2.43
C PRO A 15 22.13 6.85 2.22
N GLY A 16 22.24 7.28 0.96
CA GLY A 16 23.26 8.23 0.55
C GLY A 16 24.43 7.49 -0.06
N GLN A 17 24.59 6.21 0.33
CA GLN A 17 25.75 5.41 -0.13
C GLN A 17 25.37 4.47 -1.27
N PRO A 18 26.36 4.02 -2.08
CA PRO A 18 26.16 3.27 -3.30
C PRO A 18 26.04 1.77 -3.08
N ALA A 19 25.42 1.10 -4.04
CA ALA A 19 25.31 -0.33 -4.04
C ALA A 19 25.76 -0.82 -5.40
N SER A 20 26.43 -1.96 -5.41
CA SER A 20 26.91 -2.56 -6.64
C SER A 20 26.65 -4.07 -6.68
N ILE A 21 26.09 -4.57 -7.80
CA ILE A 21 25.78 -6.00 -7.96
C ILE A 21 26.42 -6.59 -9.24
N SER A 22 27.13 -7.69 -9.08
CA SER A 22 27.78 -8.36 -10.19
C SER A 22 26.94 -9.52 -10.72
N CYS A 23 26.92 -9.66 -12.04
CA CYS A 23 26.31 -10.81 -12.71
C CYS A 23 27.28 -11.25 -13.76
N LYS A 24 27.60 -12.54 -13.72
CA LYS A 24 28.50 -13.16 -14.67
C LYS A 24 27.80 -14.38 -15.28
N SER A 25 28.06 -14.61 -16.56
CA SER A 25 27.39 -15.60 -17.36
C SER A 25 28.45 -16.61 -17.72
N SER A 26 28.05 -17.87 -17.80
CA SER A 26 28.95 -18.96 -18.08
C SER A 26 29.43 -18.95 -19.56
N GLN A 27 28.69 -18.26 -20.46
CA GLN A 27 29.16 -17.96 -21.84
C GLN A 27 28.69 -16.55 -22.24
N SER A 28 29.29 -16.01 -23.29
CA SER A 28 28.97 -14.67 -23.80
C SER A 28 27.48 -14.41 -23.92
N LEU A 29 27.05 -13.19 -23.64
CA LEU A 29 25.64 -12.85 -23.80
C LEU A 29 25.43 -12.09 -25.10
N LEU A 30 26.52 -11.83 -25.79
CA LEU A 30 26.50 -11.27 -27.16
C LEU A 30 25.71 -12.15 -28.12
N TYR A 31 24.53 -11.67 -28.45
CA TYR A 31 23.71 -12.35 -29.43
C TYR A 31 24.20 -12.19 -30.83
N SER A 32 23.77 -13.09 -31.70
CA SER A 32 24.13 -13.10 -33.14
C SER A 32 23.71 -11.84 -33.94
N ASN A 33 22.69 -11.11 -33.48
CA ASN A 33 22.28 -9.79 -34.01
C ASN A 33 23.02 -8.60 -33.47
N GLY A 34 24.09 -8.84 -32.73
CA GLY A 34 24.98 -7.77 -32.30
C GLY A 34 24.58 -7.07 -31.00
N LYS A 35 23.43 -7.49 -30.45
CA LYS A 35 22.94 -6.94 -29.22
C LYS A 35 23.16 -7.94 -28.05
N THR A 36 23.15 -7.39 -26.83
CA THR A 36 23.45 -8.18 -25.60
C THR A 36 22.25 -8.17 -24.65
N TYR A 37 21.63 -9.32 -24.51
CA TYR A 37 20.38 -9.40 -23.79
C TYR A 37 20.58 -9.74 -22.32
N LEU A 38 21.01 -8.73 -21.58
CA LEU A 38 21.11 -8.80 -20.11
C LEU A 38 20.15 -7.77 -19.48
N ASN A 39 19.26 -8.27 -18.64
CA ASN A 39 18.20 -7.48 -18.02
C ASN A 39 18.37 -7.55 -16.48
N TRP A 40 17.90 -6.53 -15.79
CA TRP A 40 17.86 -6.56 -14.35
C TRP A 40 16.42 -6.37 -13.90
N VAL A 41 15.93 -7.24 -13.06
CA VAL A 41 14.61 -7.03 -12.51
C VAL A 41 14.69 -6.76 -10.98
N LEU A 42 13.72 -6.01 -10.49
CA LEU A 42 13.60 -5.80 -9.07
C LEU A 42 12.30 -6.38 -8.64
N GLN A 43 12.34 -7.14 -7.53
CA GLN A 43 11.11 -7.60 -6.87
C GLN A 43 11.01 -7.00 -5.49
N LYS A 44 10.14 -6.02 -5.36
CA LYS A 44 10.03 -5.28 -4.11
C LYS A 44 9.28 -6.14 -3.14
N PRO A 45 9.45 -5.90 -1.83
CA PRO A 45 8.82 -6.80 -0.87
C PRO A 45 7.29 -6.85 -1.06
N GLY A 46 6.75 -8.07 -1.12
CA GLY A 46 5.33 -8.31 -1.39
C GLY A 46 4.75 -7.90 -2.78
N GLN A 47 5.60 -7.56 -3.75
CA GLN A 47 5.16 -7.17 -5.08
C GLN A 47 5.55 -8.21 -6.11
N SER A 48 5.04 -8.02 -7.31
CA SER A 48 5.59 -8.74 -8.44
C SER A 48 6.94 -8.14 -8.89
N PRO A 49 7.77 -8.94 -9.52
CA PRO A 49 9.00 -8.46 -10.15
C PRO A 49 8.66 -7.39 -11.15
N GLN A 50 9.63 -6.52 -11.45
CA GLN A 50 9.42 -5.54 -12.47
C GLN A 50 10.77 -5.29 -13.06
N ARG A 51 10.83 -5.08 -14.37
CA ARG A 51 12.11 -4.89 -14.99
C ARG A 51 12.61 -3.49 -14.68
N LEU A 52 13.91 -3.35 -14.46
CA LEU A 52 14.56 -2.04 -14.32
C LEU A 52 15.44 -1.67 -15.52
N ILE A 53 16.16 -2.65 -16.06
CA ILE A 53 17.25 -2.38 -17.01
C ILE A 53 17.15 -3.42 -18.10
N TYR A 54 17.36 -2.98 -19.34
CA TYR A 54 17.33 -3.88 -20.44
C TYR A 54 18.52 -3.57 -21.39
N LEU A 55 18.94 -4.54 -22.19
CA LEU A 55 20.06 -4.40 -23.09
C LEU A 55 21.29 -3.80 -22.35
N VAL A 56 21.68 -4.41 -21.22
CA VAL A 56 22.80 -3.98 -20.41
C VAL A 56 22.64 -2.67 -19.64
N SER A 57 22.36 -1.59 -20.37
CA SER A 57 22.49 -0.22 -19.85
C SER A 57 21.25 0.66 -19.94
N LYS A 58 20.15 0.19 -20.53
CA LYS A 58 18.99 1.07 -20.70
C LYS A 58 17.95 1.00 -19.58
N LEU A 59 17.51 2.18 -19.14
CA LEU A 59 16.57 2.28 -18.01
C LEU A 59 15.13 2.18 -18.46
N ASP A 60 14.33 1.32 -17.83
CA ASP A 60 12.89 1.34 -18.07
C ASP A 60 12.31 2.64 -17.54
N SER A 61 11.15 3.05 -18.07
CA SER A 61 10.45 4.22 -17.55
C SER A 61 10.18 4.12 -16.07
N GLY A 62 10.32 5.27 -15.44
CA GLY A 62 9.99 5.39 -14.04
C GLY A 62 11.17 4.97 -13.19
N VAL A 63 12.25 4.45 -13.81
CA VAL A 63 13.46 4.10 -13.05
C VAL A 63 14.37 5.32 -12.78
N PRO A 64 14.66 5.61 -11.50
CA PRO A 64 15.53 6.79 -11.19
C PRO A 64 16.88 6.68 -11.85
N ASP A 65 17.48 7.83 -12.18
CA ASP A 65 18.76 7.82 -12.86
C ASP A 65 19.93 7.54 -11.90
N ARG A 66 19.62 7.32 -10.64
CA ARG A 66 20.59 6.84 -9.69
C ARG A 66 21.00 5.40 -10.08
N PHE A 67 20.16 4.73 -10.88
CA PHE A 67 20.40 3.35 -11.41
C PHE A 67 21.16 3.33 -12.70
N SER A 68 22.21 2.52 -12.73
CA SER A 68 22.90 2.38 -13.99
C SER A 68 23.29 0.94 -14.22
N GLY A 69 23.43 0.57 -15.49
CA GLY A 69 23.86 -0.79 -15.86
C GLY A 69 25.01 -0.76 -16.84
N SER A 70 25.99 -1.66 -16.66
CA SER A 70 27.19 -1.73 -17.58
C SER A 70 27.70 -3.15 -17.79
N GLY A 71 28.73 -3.28 -18.64
CA GLY A 71 29.29 -4.57 -18.94
C GLY A 71 29.17 -5.00 -20.38
N SER A 72 29.75 -6.17 -20.67
CA SER A 72 29.66 -6.81 -21.97
C SER A 72 30.14 -8.26 -21.83
N GLY A 73 29.89 -9.07 -22.87
CA GLY A 73 30.38 -10.44 -23.01
C GLY A 73 29.88 -11.30 -21.88
N THR A 74 30.70 -11.48 -20.85
CA THR A 74 30.29 -12.35 -19.75
C THR A 74 30.15 -11.60 -18.42
N ASP A 75 30.39 -10.31 -18.46
CA ASP A 75 30.52 -9.55 -17.25
C ASP A 75 29.70 -8.28 -17.23
N PHE A 76 28.79 -8.20 -16.26
CA PHE A 76 27.80 -7.10 -16.10
C PHE A 76 27.70 -6.63 -14.65
N THR A 77 27.30 -5.37 -14.46
CA THR A 77 27.19 -4.73 -13.14
C THR A 77 25.96 -3.82 -13.07
N LEU A 78 25.17 -3.95 -12.01
CA LEU A 78 24.18 -2.96 -11.68
C LEU A 78 24.71 -2.04 -10.55
N LYS A 79 24.63 -0.74 -10.77
CA LYS A 79 25.09 0.24 -9.74
C LYS A 79 23.93 1.07 -9.35
N ILE A 80 23.78 1.25 -8.06
CA ILE A 80 22.88 2.26 -7.56
C ILE A 80 23.74 3.32 -6.90
N SER A 81 23.71 4.54 -7.40
CA SER A 81 24.65 5.55 -6.91
C SER A 81 24.42 5.98 -5.46
N ARG A 82 23.18 6.23 -5.07
CA ARG A 82 22.92 6.81 -3.70
C ARG A 82 21.63 6.15 -3.22
N VAL A 83 21.76 5.12 -2.41
CA VAL A 83 20.60 4.31 -2.13
C VAL A 83 19.58 5.15 -1.38
N GLU A 84 18.32 4.87 -1.67
CA GLU A 84 17.17 5.43 -1.01
C GLU A 84 16.32 4.24 -0.63
N ALA A 85 15.42 4.48 0.32
CA ALA A 85 14.53 3.44 0.88
C ALA A 85 13.69 2.63 -0.13
N GLU A 86 13.20 3.27 -1.19
CA GLU A 86 12.41 2.58 -2.19
C GLU A 86 13.22 1.48 -2.95
N ASP A 87 14.56 1.46 -2.80
CA ASP A 87 15.39 0.53 -3.56
C ASP A 87 15.39 -0.88 -3.00
N VAL A 88 14.82 -1.02 -1.81
CA VAL A 88 14.82 -2.23 -1.05
C VAL A 88 14.14 -3.40 -1.80
N GLY A 89 14.64 -4.61 -1.65
CA GLY A 89 14.01 -5.74 -2.34
C GLY A 89 15.03 -6.75 -2.85
N VAL A 90 14.61 -7.65 -3.73
CA VAL A 90 15.56 -8.61 -4.35
C VAL A 90 15.74 -8.25 -5.82
N TYR A 91 16.98 -7.94 -6.20
CA TYR A 91 17.42 -7.76 -7.60
C TYR A 91 17.83 -9.09 -8.22
N TYR A 92 17.44 -9.28 -9.48
CA TYR A 92 17.90 -10.44 -10.25
C TYR A 92 18.39 -10.02 -11.61
N CYS A 93 19.52 -10.57 -12.07
CA CYS A 93 19.82 -10.42 -13.49
C CYS A 93 19.12 -11.52 -14.23
N VAL A 94 18.82 -11.28 -15.52
CA VAL A 94 18.16 -12.29 -16.33
C VAL A 94 18.60 -12.12 -17.77
N GLN A 95 19.23 -13.16 -18.30
CA GLN A 95 19.77 -13.07 -19.65
C GLN A 95 18.66 -13.51 -20.58
N GLY A 96 18.64 -13.00 -21.80
CA GLY A 96 17.68 -13.47 -22.84
C GLY A 96 18.40 -13.79 -24.17
N SER A 97 19.70 -14.05 -24.09
CA SER A 97 20.47 -14.45 -25.25
C SER A 97 20.39 -15.93 -25.58
N HIS A 98 20.03 -16.75 -24.60
CA HIS A 98 19.76 -18.16 -24.82
C HIS A 98 18.61 -18.57 -23.89
N PHE A 99 17.39 -18.44 -24.41
CA PHE A 99 16.18 -18.57 -23.65
C PHE A 99 16.25 -17.59 -22.50
N HIS A 100 15.94 -18.04 -21.29
CA HIS A 100 16.15 -17.22 -20.11
C HIS A 100 16.66 -18.06 -18.95
N THR A 101 17.54 -17.46 -18.16
CA THR A 101 17.90 -17.94 -16.82
C THR A 101 18.11 -16.68 -16.01
N PHE A 102 18.03 -16.84 -14.68
CA PHE A 102 18.10 -15.72 -13.71
C PHE A 102 19.31 -15.88 -12.81
N GLY A 103 19.92 -14.77 -12.39
CA GLY A 103 20.77 -14.80 -11.16
C GLY A 103 20.03 -15.32 -9.93
N GLN A 104 20.78 -15.65 -8.89
CA GLN A 104 20.21 -16.27 -7.71
C GLN A 104 19.49 -15.21 -6.87
N GLY A 105 19.84 -13.94 -7.09
CA GLY A 105 19.11 -12.84 -6.45
C GLY A 105 20.01 -12.19 -5.43
N THR A 106 19.87 -10.86 -5.28
CA THR A 106 20.64 -10.06 -4.31
C THR A 106 19.65 -9.28 -3.47
N LYS A 107 19.64 -9.58 -2.17
CA LYS A 107 18.69 -8.90 -1.27
C LYS A 107 19.28 -7.60 -0.73
N LEU A 108 18.62 -6.47 -1.05
CA LEU A 108 19.09 -5.17 -0.61
C LEU A 108 18.28 -4.70 0.58
N GLU A 109 18.96 -4.48 1.70
CA GLU A 109 18.41 -3.80 2.88
C GLU A 109 19.09 -2.43 3.17
N ILE A 110 18.37 -1.57 3.82
CA ILE A 110 18.89 -0.28 4.19
C ILE A 110 19.57 -0.40 5.55
N LYS A 111 20.80 0.10 5.64
CA LYS A 111 21.55 0.13 6.87
C LYS A 111 21.02 1.32 7.66
N ARG A 112 20.83 1.16 8.97
CA ARG A 112 20.43 2.29 9.86
C ARG A 112 21.10 2.07 11.23
N THR A 113 20.92 2.99 12.16
CA THR A 113 21.53 2.84 13.49
C THR A 113 20.81 1.77 14.29
N VAL A 114 21.57 1.17 15.22
CA VAL A 114 21.04 0.18 16.15
C VAL A 114 19.79 0.67 16.90
N ALA A 115 18.80 -0.21 17.03
CA ALA A 115 17.56 0.05 17.74
C ALA A 115 17.12 -1.26 18.45
N ALA A 116 17.04 -1.17 19.77
CA ALA A 116 16.68 -2.30 20.62
C ALA A 116 15.20 -2.58 20.46
N PRO A 117 14.82 -3.86 20.55
CA PRO A 117 13.41 -4.23 20.46
C PRO A 117 12.72 -3.95 21.76
N SER A 118 11.43 -3.70 21.71
CA SER A 118 10.62 -3.90 22.86
C SER A 118 9.96 -5.28 22.70
N VAL A 119 9.76 -5.94 23.85
CA VAL A 119 9.44 -7.35 23.90
C VAL A 119 8.16 -7.57 24.69
N PHE A 120 7.36 -8.54 24.24
CA PHE A 120 6.07 -8.86 24.85
C PHE A 120 5.93 -10.38 24.78
N ILE A 121 5.30 -10.96 25.80
CA ILE A 121 4.99 -12.38 25.86
C ILE A 121 3.46 -12.57 26.03
N PHE A 122 2.91 -13.55 25.33
CA PHE A 122 1.51 -13.85 25.40
C PHE A 122 1.37 -15.32 25.79
N PRO A 123 0.60 -15.60 26.85
CA PRO A 123 0.28 -17.00 27.12
C PRO A 123 -0.68 -17.51 26.06
N PRO A 124 -0.81 -18.84 25.97
CA PRO A 124 -1.92 -19.43 25.23
C PRO A 124 -3.23 -18.91 25.78
N SER A 125 -4.16 -18.59 24.88
CA SER A 125 -5.49 -18.21 25.27
C SER A 125 -6.23 -19.38 25.91
N ASP A 126 -7.33 -19.05 26.58
CA ASP A 126 -8.18 -20.06 27.16
C ASP A 126 -8.88 -20.87 26.03
N GLU A 127 -9.33 -20.18 24.97
CA GLU A 127 -9.98 -20.86 23.86
C GLU A 127 -9.03 -21.92 23.27
N GLN A 128 -7.74 -21.60 23.10
CA GLN A 128 -6.83 -22.56 22.50
C GLN A 128 -6.75 -23.80 23.41
N LEU A 129 -6.51 -23.55 24.69
CA LEU A 129 -6.32 -24.65 25.65
C LEU A 129 -7.35 -25.81 25.54
N LYS A 130 -8.65 -25.50 25.53
CA LYS A 130 -9.65 -26.54 25.30
C LYS A 130 -9.10 -27.63 24.36
N SER A 131 -8.54 -27.18 23.21
CA SER A 131 -8.39 -27.99 21.99
C SER A 131 -7.17 -28.88 21.96
N GLY A 132 -6.37 -28.93 23.03
CA GLY A 132 -5.21 -29.84 23.04
C GLY A 132 -3.82 -29.22 22.91
N THR A 133 -3.77 -27.96 22.43
CA THR A 133 -2.47 -27.28 22.25
C THR A 133 -2.38 -25.92 22.94
N ALA A 134 -1.15 -25.57 23.25
CA ALA A 134 -0.77 -24.33 23.86
C ALA A 134 0.31 -23.72 22.97
N SER A 135 0.07 -22.49 22.55
CA SER A 135 1.09 -21.72 21.89
C SER A 135 1.42 -20.55 22.78
N VAL A 136 2.73 -20.40 23.00
CA VAL A 136 3.24 -19.29 23.72
C VAL A 136 3.99 -18.42 22.72
N VAL A 137 3.55 -17.17 22.57
CA VAL A 137 4.17 -16.25 21.59
C VAL A 137 4.97 -15.10 22.21
N CYS A 138 6.22 -14.96 21.75
CA CYS A 138 7.06 -13.80 22.06
C CYS A 138 7.27 -12.85 20.87
N LEU A 139 6.86 -11.59 21.07
CA LEU A 139 6.98 -10.51 20.06
C LEU A 139 8.12 -9.51 20.32
N LEU A 140 9.02 -9.37 19.36
CA LEU A 140 10.07 -8.38 19.33
C LEU A 140 9.71 -7.25 18.37
N ASN A 141 9.60 -6.02 18.86
CA ASN A 141 9.04 -4.94 18.01
C ASN A 141 10.10 -3.89 17.72
N ASN A 142 10.19 -3.52 16.43
CA ASN A 142 10.96 -2.37 15.91
C ASN A 142 12.41 -2.31 16.22
N PHE A 143 13.16 -3.26 15.67
CA PHE A 143 14.57 -3.38 16.03
C PHE A 143 15.48 -3.35 14.80
N TYR A 144 16.76 -3.04 14.99
CA TYR A 144 17.75 -3.12 13.93
C TYR A 144 19.08 -3.24 14.64
N PRO A 145 19.96 -4.18 14.22
CA PRO A 145 19.83 -5.03 13.00
C PRO A 145 18.94 -6.27 13.18
N ARG A 146 18.84 -7.10 12.14
CA ARG A 146 17.88 -8.17 12.10
C ARG A 146 18.28 -9.26 13.10
N GLU A 147 19.56 -9.50 13.20
CA GLU A 147 20.11 -10.57 14.02
C GLU A 147 19.64 -10.39 15.45
N ALA A 148 19.07 -11.46 15.99
CA ALA A 148 18.57 -11.51 17.35
C ALA A 148 18.56 -12.96 17.85
N LYS A 149 18.67 -13.11 19.16
CA LYS A 149 18.54 -14.44 19.76
C LYS A 149 17.35 -14.39 20.69
N VAL A 150 16.42 -15.31 20.43
CA VAL A 150 15.25 -15.47 21.22
C VAL A 150 15.20 -16.91 21.75
N GLN A 151 15.28 -17.03 23.09
CA GLN A 151 15.41 -18.29 23.83
C GLN A 151 14.24 -18.45 24.77
N TRP A 152 13.59 -19.63 24.74
CA TRP A 152 12.51 -19.95 25.66
C TRP A 152 12.99 -20.76 26.84
N LYS A 153 12.43 -20.44 28.01
CA LYS A 153 12.71 -21.20 29.18
C LYS A 153 11.44 -21.57 29.85
N VAL A 154 11.28 -22.86 30.19
CA VAL A 154 10.13 -23.35 30.98
C VAL A 154 10.65 -23.85 32.37
N ASP A 155 10.02 -23.38 33.45
CA ASP A 155 10.62 -23.46 34.81
C ASP A 155 12.11 -23.53 34.80
N ASN A 156 12.72 -22.65 34.00
CA ASN A 156 14.14 -22.42 33.94
C ASN A 156 14.92 -23.29 33.02
N ALA A 157 14.23 -24.26 32.44
CA ALA A 157 14.91 -25.20 31.57
C ALA A 157 14.85 -24.71 30.12
N LEU A 158 16.01 -24.55 29.53
CA LEU A 158 16.11 -24.02 28.19
C LEU A 158 15.50 -24.98 27.13
N GLN A 159 14.56 -24.47 26.34
CA GLN A 159 13.89 -25.27 25.31
C GLN A 159 14.71 -25.26 24.04
N SER A 160 14.59 -26.31 23.23
CA SER A 160 15.09 -26.28 21.86
C SER A 160 14.24 -27.11 20.92
N GLY A 161 14.23 -26.71 19.65
CA GLY A 161 13.53 -27.47 18.60
C GLY A 161 12.01 -27.41 18.62
N ASN A 162 11.45 -26.76 19.65
CA ASN A 162 10.01 -26.63 19.81
C ASN A 162 9.45 -25.20 19.62
N SER A 163 10.28 -24.29 19.11
CA SER A 163 9.81 -22.96 18.74
C SER A 163 10.12 -22.64 17.27
N GLN A 164 9.32 -21.76 16.68
CA GLN A 164 9.60 -21.25 15.32
C GLN A 164 9.48 -19.74 15.35
N GLU A 165 10.36 -19.12 14.57
CA GLU A 165 10.40 -17.67 14.45
C GLU A 165 9.93 -17.19 13.10
N SER A 166 9.43 -15.97 13.04
CA SER A 166 9.00 -15.32 11.81
C SER A 166 9.39 -13.83 11.85
N VAL A 167 9.91 -13.29 10.74
CA VAL A 167 10.33 -11.88 10.70
C VAL A 167 9.66 -11.04 9.58
N THR A 168 9.34 -9.78 9.84
CA THR A 168 8.74 -8.90 8.82
C THR A 168 9.83 -8.37 7.90
N GLU A 169 9.41 -7.77 6.78
CA GLU A 169 10.32 -7.04 5.89
C GLU A 169 10.62 -5.74 6.59
N GLN A 170 11.63 -5.04 6.12
CA GLN A 170 12.01 -3.79 6.74
C GLN A 170 10.86 -2.81 6.68
N ASP A 171 10.58 -2.21 7.84
CA ASP A 171 9.51 -1.22 7.89
C ASP A 171 9.82 -0.07 6.92
N SER A 172 8.84 0.34 6.12
CA SER A 172 9.12 1.33 5.07
C SER A 172 9.23 2.78 5.57
N LYS A 173 9.06 3.00 6.87
CA LYS A 173 9.20 4.36 7.41
C LYS A 173 10.47 4.50 8.27
N ASP A 174 10.78 3.48 9.06
CA ASP A 174 11.91 3.58 9.98
C ASP A 174 12.94 2.49 9.79
N SER A 175 12.76 1.63 8.79
CA SER A 175 13.77 0.61 8.43
C SER A 175 14.09 -0.43 9.52
N THR A 176 13.15 -0.71 10.41
CA THR A 176 13.39 -1.74 11.41
C THR A 176 12.68 -3.03 11.10
N TYR A 177 12.92 -4.03 11.93
CA TYR A 177 12.27 -5.31 11.79
C TYR A 177 11.42 -5.60 13.01
N SER A 178 10.52 -6.57 12.89
CA SER A 178 9.84 -7.11 14.03
C SER A 178 9.81 -8.59 13.80
N LEU A 179 9.70 -9.31 14.93
CA LEU A 179 9.88 -10.75 14.97
C LEU A 179 8.91 -11.38 15.96
N SER A 180 8.45 -12.56 15.63
CA SER A 180 7.66 -13.32 16.55
C SER A 180 8.29 -14.70 16.62
N SER A 181 8.28 -15.25 17.82
CA SER A 181 8.77 -16.55 18.15
C SER A 181 7.62 -17.27 18.91
N THR A 182 7.27 -18.47 18.47
CA THR A 182 6.13 -19.20 18.98
C THR A 182 6.54 -20.58 19.53
N LEU A 183 6.27 -20.81 20.79
CA LEU A 183 6.64 -22.04 21.45
C LEU A 183 5.43 -22.93 21.49
N THR A 184 5.59 -24.17 21.01
CA THR A 184 4.52 -25.16 21.00
C THR A 184 4.74 -26.24 22.06
N LEU A 185 3.77 -26.37 22.94
CA LEU A 185 3.78 -27.44 23.95
C LEU A 185 2.42 -28.10 23.96
N SER A 186 2.35 -29.38 24.33
CA SER A 186 1.06 -30.00 24.58
C SER A 186 0.34 -29.26 25.71
N LYS A 187 -0.99 -29.31 25.68
CA LYS A 187 -1.80 -28.70 26.71
C LYS A 187 -1.48 -29.22 28.12
N ALA A 188 -1.33 -30.55 28.25
CA ALA A 188 -1.08 -31.15 29.54
C ALA A 188 0.28 -30.72 30.09
N ASP A 189 1.23 -30.56 29.18
CA ASP A 189 2.58 -30.23 29.55
C ASP A 189 2.67 -28.76 29.92
N TYR A 190 1.94 -27.92 29.18
CA TYR A 190 1.77 -26.53 29.58
C TYR A 190 1.19 -26.40 31.02
N GLU A 191 0.20 -27.22 31.34
CA GLU A 191 -0.50 -27.05 32.62
C GLU A 191 0.26 -27.68 33.76
N LYS A 192 1.40 -28.29 33.47
CA LYS A 192 2.23 -29.00 34.47
C LYS A 192 3.39 -28.10 34.94
N HIS A 193 3.60 -26.98 34.23
CA HIS A 193 4.73 -26.11 34.53
C HIS A 193 4.23 -24.67 34.88
N LYS A 194 5.09 -23.84 35.43
CA LYS A 194 4.65 -22.57 36.02
C LYS A 194 5.23 -21.33 35.30
N VAL A 195 6.54 -21.31 35.13
CA VAL A 195 7.27 -20.12 34.68
C VAL A 195 7.65 -20.16 33.18
N TYR A 196 7.04 -19.26 32.40
CA TYR A 196 7.30 -19.16 30.97
C TYR A 196 8.02 -17.82 30.70
N ALA A 197 9.27 -17.93 30.22
CA ALA A 197 10.17 -16.83 29.93
C ALA A 197 10.72 -16.85 28.48
N CYS A 198 10.71 -15.68 27.87
CA CYS A 198 11.30 -15.37 26.58
C CYS A 198 12.48 -14.49 26.91
N GLU A 199 13.68 -14.92 26.57
CA GLU A 199 14.85 -14.15 26.79
C GLU A 199 15.47 -13.72 25.45
N VAL A 200 15.70 -12.40 25.33
CA VAL A 200 16.12 -11.79 24.06
C VAL A 200 17.50 -11.15 24.14
N THR A 201 18.38 -11.62 23.28
CA THR A 201 19.71 -11.05 23.10
C THR A 201 19.77 -10.35 21.71
N HIS A 202 20.27 -9.11 21.70
CA HIS A 202 20.33 -8.28 20.51
C HIS A 202 21.28 -7.13 20.81
N GLN A 203 22.06 -6.72 19.82
CA GLN A 203 23.14 -5.79 20.08
C GLN A 203 22.74 -4.38 20.57
N GLY A 204 21.44 -4.05 20.57
CA GLY A 204 20.94 -2.79 21.08
C GLY A 204 20.60 -2.86 22.57
N LEU A 205 20.83 -4.02 23.16
CA LEU A 205 20.43 -4.31 24.54
C LEU A 205 21.65 -4.54 25.40
N SER A 206 21.82 -3.74 26.46
CA SER A 206 23.00 -3.85 27.37
C SER A 206 23.32 -5.30 27.69
N SER A 207 22.26 -6.01 28.04
CA SER A 207 22.25 -7.40 28.45
C SER A 207 20.88 -7.97 28.08
N PRO A 208 20.78 -9.31 27.94
CA PRO A 208 19.54 -9.98 27.54
C PRO A 208 18.29 -9.50 28.30
N VAL A 209 17.21 -9.19 27.60
CA VAL A 209 15.93 -8.88 28.29
C VAL A 209 15.01 -10.07 28.37
N THR A 210 14.41 -10.24 29.53
CA THR A 210 13.47 -11.31 29.77
C THR A 210 12.05 -10.84 30.01
N LYS A 211 11.14 -11.35 29.20
CA LYS A 211 9.73 -11.29 29.54
C LYS A 211 9.23 -12.68 29.95
N SER A 212 8.42 -12.71 30.99
CA SER A 212 7.98 -13.94 31.61
C SER A 212 6.58 -13.78 32.18
N PHE A 213 5.91 -14.91 32.39
CA PHE A 213 4.70 -14.95 33.18
C PHE A 213 4.66 -16.26 33.98
N ASN A 214 3.72 -16.33 34.92
CA ASN A 214 3.41 -17.56 35.63
C ASN A 214 2.06 -17.97 35.18
N ARG A 215 1.89 -19.25 34.91
CA ARG A 215 0.62 -19.75 34.37
C ARG A 215 -0.63 -19.29 35.17
N GLY A 216 -0.55 -19.22 36.48
CA GLY A 216 -1.62 -18.57 37.32
C GLY A 216 -1.55 -17.03 37.41
N GLU B 1 -2.45 1.04 -20.82
CA GLU B 1 -2.08 0.24 -19.60
C GLU B 1 -1.56 -1.15 -20.04
N VAL B 2 -0.38 -1.54 -19.62
CA VAL B 2 0.04 -2.94 -19.75
C VAL B 2 -0.48 -3.79 -18.59
N GLN B 3 -1.12 -4.90 -18.93
CA GLN B 3 -1.77 -5.80 -17.97
C GLN B 3 -1.47 -7.27 -18.37
N LEU B 4 -1.16 -8.08 -17.36
CA LEU B 4 -0.96 -9.49 -17.54
C LEU B 4 -1.64 -10.14 -16.35
N VAL B 5 -2.54 -11.06 -16.65
CA VAL B 5 -3.36 -11.65 -15.61
C VAL B 5 -3.42 -13.15 -15.73
N GLU B 6 -2.85 -13.80 -14.72
CA GLU B 6 -2.76 -15.24 -14.64
C GLU B 6 -3.99 -15.82 -13.95
N SER B 7 -4.39 -17.02 -14.33
CA SER B 7 -5.45 -17.72 -13.62
C SER B 7 -5.28 -19.23 -13.62
N GLY B 8 -6.06 -19.91 -12.79
CA GLY B 8 -6.13 -21.38 -12.81
C GLY B 8 -5.25 -21.99 -11.73
N GLY B 9 -4.50 -21.18 -11.00
CA GLY B 9 -3.72 -21.68 -9.88
C GLY B 9 -4.64 -22.36 -8.87
N GLY B 10 -4.14 -23.39 -8.23
CA GLY B 10 -4.91 -24.00 -7.14
C GLY B 10 -4.17 -25.17 -6.60
N LEU B 11 -4.80 -25.89 -5.70
CA LEU B 11 -4.23 -27.08 -5.07
C LEU B 11 -4.58 -28.30 -5.92
N VAL B 12 -3.60 -29.17 -6.15
CA VAL B 12 -3.81 -30.43 -6.86
C VAL B 12 -2.92 -31.56 -6.32
N GLN B 13 -3.37 -32.80 -6.44
CA GLN B 13 -2.61 -33.93 -5.92
C GLN B 13 -1.28 -34.10 -6.64
N PRO B 14 -0.25 -34.53 -5.93
CA PRO B 14 0.95 -35.01 -6.63
C PRO B 14 0.53 -35.99 -7.74
N GLY B 15 1.00 -35.74 -8.95
CA GLY B 15 0.70 -36.61 -10.09
C GLY B 15 -0.44 -36.12 -10.92
N GLY B 16 -1.23 -35.19 -10.38
CA GLY B 16 -2.37 -34.64 -11.11
C GLY B 16 -1.89 -33.71 -12.21
N SER B 17 -2.84 -33.11 -12.95
CA SER B 17 -2.58 -32.11 -13.96
C SER B 17 -3.33 -30.84 -13.61
N LEU B 18 -2.89 -29.74 -14.20
CA LEU B 18 -3.55 -28.47 -14.04
C LEU B 18 -3.21 -27.65 -15.25
N ARG B 19 -4.11 -26.77 -15.67
CA ARG B 19 -3.89 -25.95 -16.84
C ARG B 19 -4.01 -24.48 -16.46
N LEU B 20 -2.94 -23.71 -16.67
CA LEU B 20 -2.95 -22.29 -16.30
C LEU B 20 -3.26 -21.44 -17.53
N SER B 21 -3.93 -20.34 -17.27
CA SER B 21 -4.12 -19.43 -18.36
C SER B 21 -3.69 -18.01 -18.02
N CYS B 22 -3.65 -17.16 -19.04
CA CYS B 22 -3.04 -15.85 -18.98
C CYS B 22 -3.60 -14.95 -20.08
N ALA B 23 -4.10 -13.78 -19.72
CA ALA B 23 -4.56 -12.83 -20.69
C ALA B 23 -3.74 -11.58 -20.59
N ALA B 24 -3.48 -10.94 -21.73
CA ALA B 24 -2.61 -9.79 -21.82
C ALA B 24 -3.18 -8.61 -22.63
N SER B 25 -2.86 -7.38 -22.23
CA SER B 25 -3.29 -6.22 -22.98
C SER B 25 -2.24 -5.13 -22.87
N GLY B 26 -2.26 -4.24 -23.86
CA GLY B 26 -1.53 -3.00 -23.76
C GLY B 26 -0.14 -3.04 -24.34
N PHE B 27 0.20 -4.15 -24.99
CA PHE B 27 1.41 -4.27 -25.82
C PHE B 27 1.16 -5.21 -27.02
N PRO B 28 2.04 -5.17 -28.05
CA PRO B 28 1.81 -6.04 -29.22
C PRO B 28 2.15 -7.51 -28.93
N PHE B 29 1.18 -8.20 -28.34
CA PHE B 29 1.39 -9.57 -27.85
C PHE B 29 1.93 -10.52 -28.93
N SER B 30 1.45 -10.32 -30.17
CA SER B 30 1.70 -11.25 -31.26
C SER B 30 3.16 -11.12 -31.75
N ASN B 31 3.82 -10.03 -31.37
CA ASN B 31 5.26 -9.85 -31.67
C ASN B 31 6.22 -10.13 -30.54
N TYR B 32 5.73 -10.82 -29.51
CA TYR B 32 6.51 -11.00 -28.31
C TYR B 32 6.69 -12.45 -27.96
N TRP B 33 7.93 -12.83 -27.68
CA TRP B 33 8.18 -14.15 -27.06
C TRP B 33 7.59 -14.16 -25.66
N MET B 34 6.89 -15.22 -25.32
CA MET B 34 6.11 -15.22 -24.09
C MET B 34 6.63 -16.40 -23.27
N ASN B 35 6.73 -16.20 -21.95
CA ASN B 35 7.26 -17.17 -21.01
C ASN B 35 6.37 -17.46 -19.82
N TRP B 36 6.61 -18.62 -19.18
CA TRP B 36 6.22 -18.84 -17.80
C TRP B 36 7.51 -18.83 -16.98
N VAL B 37 7.46 -18.07 -15.87
CA VAL B 37 8.50 -18.00 -14.85
C VAL B 37 7.77 -18.34 -13.56
N ARG B 38 8.43 -19.09 -12.67
CA ARG B 38 7.82 -19.39 -11.38
C ARG B 38 8.74 -19.03 -10.20
N GLN B 39 8.16 -18.97 -9.00
CA GLN B 39 8.93 -18.72 -7.76
C GLN B 39 8.36 -19.60 -6.67
N ALA B 40 9.14 -20.62 -6.27
CA ALA B 40 8.77 -21.50 -5.16
C ALA B 40 8.74 -20.69 -3.87
N PRO B 41 7.88 -21.09 -2.88
CA PRO B 41 7.72 -20.18 -1.73
C PRO B 41 9.07 -19.92 -1.14
N GLY B 42 9.34 -18.64 -0.91
CA GLY B 42 10.59 -18.18 -0.30
C GLY B 42 11.90 -18.33 -1.07
N LYS B 43 11.83 -18.62 -2.38
CA LYS B 43 13.03 -18.82 -3.22
C LYS B 43 13.05 -17.84 -4.40
N GLY B 44 13.96 -18.07 -5.35
CA GLY B 44 14.17 -17.18 -6.51
C GLY B 44 13.23 -17.38 -7.71
N LEU B 45 13.50 -16.67 -8.79
CA LEU B 45 12.71 -16.76 -10.00
C LEU B 45 13.40 -17.82 -10.84
N GLU B 46 12.59 -18.60 -11.58
CA GLU B 46 13.03 -19.73 -12.38
C GLU B 46 12.20 -19.72 -13.66
N TRP B 47 12.86 -19.52 -14.79
CA TRP B 47 12.24 -19.69 -16.12
C TRP B 47 11.85 -21.13 -16.31
N VAL B 48 10.62 -21.30 -16.77
CA VAL B 48 9.96 -22.57 -16.91
C VAL B 48 9.91 -22.98 -18.40
N GLY B 49 9.38 -22.10 -19.24
CA GLY B 49 9.36 -22.39 -20.68
C GLY B 49 8.98 -21.18 -21.48
N GLN B 50 9.25 -21.22 -22.78
CA GLN B 50 9.07 -20.08 -23.68
C GLN B 50 8.34 -20.45 -24.98
N ILE B 51 7.59 -19.50 -25.54
CA ILE B 51 6.98 -19.72 -26.86
C ILE B 51 7.20 -18.46 -27.70
N ARG B 52 7.65 -18.74 -28.92
CA ARG B 52 8.03 -17.72 -29.87
C ARG B 52 6.87 -17.40 -30.85
N LEU B 53 7.17 -16.75 -31.96
CA LEU B 53 6.11 -16.18 -32.80
C LEU B 53 5.58 -17.14 -33.87
N LYS B 54 4.52 -16.71 -34.53
CA LYS B 54 4.05 -17.43 -35.67
C LYS B 54 5.18 -17.63 -36.69
N SER B 55 5.90 -16.56 -37.04
CA SER B 55 7.03 -16.65 -37.99
C SER B 55 8.20 -17.56 -37.55
N ASN B 56 8.21 -17.93 -36.26
CA ASN B 56 9.08 -18.99 -35.70
C ASN B 56 8.39 -20.34 -35.61
N ASN B 57 7.19 -20.43 -36.22
CA ASN B 57 6.41 -21.66 -36.16
C ASN B 57 6.03 -21.98 -34.71
N TYR B 58 5.85 -20.93 -33.89
CA TYR B 58 5.42 -21.07 -32.46
C TYR B 58 6.37 -22.01 -31.70
N ALA B 59 7.63 -21.92 -32.01
CA ALA B 59 8.63 -22.79 -31.38
C ALA B 59 8.63 -22.64 -29.85
N THR B 60 8.74 -23.78 -29.17
CA THR B 60 8.68 -23.84 -27.74
C THR B 60 9.98 -24.46 -27.23
N HIS B 61 10.37 -24.05 -26.01
CA HIS B 61 11.51 -24.67 -25.28
C HIS B 61 11.27 -24.58 -23.78
N TYR B 62 11.86 -25.51 -23.03
CA TYR B 62 11.50 -25.75 -21.62
C TYR B 62 12.72 -25.91 -20.72
N ALA B 63 12.56 -25.45 -19.48
CA ALA B 63 13.52 -25.76 -18.44
C ALA B 63 13.66 -27.27 -18.37
N GLU B 64 14.88 -27.72 -18.15
CA GLU B 64 15.17 -29.15 -17.98
C GLU B 64 14.33 -29.78 -16.88
N SER B 65 13.98 -29.01 -15.86
CA SER B 65 13.23 -29.58 -14.72
C SER B 65 11.72 -29.75 -15.01
N VAL B 66 11.25 -29.22 -16.13
CA VAL B 66 9.85 -29.45 -16.44
C VAL B 66 9.68 -30.11 -17.79
N LYS B 67 10.78 -30.29 -18.51
CA LYS B 67 10.72 -30.87 -19.86
C LYS B 67 10.03 -32.23 -19.89
N GLY B 68 9.13 -32.39 -20.85
CA GLY B 68 8.30 -33.57 -20.95
C GLY B 68 7.06 -33.58 -20.08
N ARG B 69 6.90 -32.66 -19.12
CA ARG B 69 5.70 -32.71 -18.25
C ARG B 69 4.76 -31.53 -18.52
N PHE B 70 5.35 -30.39 -18.83
CA PHE B 70 4.60 -29.13 -19.08
C PHE B 70 4.54 -28.84 -20.58
N THR B 71 3.50 -28.13 -21.01
CA THR B 71 3.38 -27.66 -22.42
C THR B 71 2.92 -26.23 -22.42
N ILE B 72 3.74 -25.34 -22.99
CA ILE B 72 3.31 -23.93 -23.17
C ILE B 72 2.58 -23.87 -24.49
N SER B 73 1.50 -23.10 -24.53
CA SER B 73 0.82 -22.79 -25.80
C SER B 73 0.33 -21.32 -25.78
N ARG B 74 0.04 -20.78 -26.96
CA ARG B 74 -0.43 -19.40 -27.07
C ARG B 74 -1.60 -19.33 -28.06
N ASP B 75 -2.27 -18.19 -28.11
CA ASP B 75 -3.36 -17.98 -29.04
C ASP B 75 -3.31 -16.47 -29.24
N ASP B 76 -2.66 -16.01 -30.31
CA ASP B 76 -2.51 -14.57 -30.52
C ASP B 76 -3.81 -13.86 -30.79
N SER B 77 -4.80 -14.57 -31.32
CA SER B 77 -6.11 -13.93 -31.49
C SER B 77 -6.74 -13.44 -30.16
N LYS B 78 -6.56 -14.22 -29.08
CA LYS B 78 -7.09 -13.91 -27.73
C LYS B 78 -6.05 -13.20 -26.79
N ASN B 79 -4.85 -12.99 -27.31
CA ASN B 79 -3.77 -12.47 -26.52
C ASN B 79 -3.54 -13.28 -25.29
N SER B 80 -3.59 -14.61 -25.44
CA SER B 80 -3.58 -15.51 -24.32
C SER B 80 -2.35 -16.43 -24.34
N LEU B 81 -1.95 -16.90 -23.15
CA LEU B 81 -0.82 -17.81 -23.00
C LEU B 81 -1.28 -18.93 -22.09
N TYR B 82 -0.82 -20.16 -22.32
CA TYR B 82 -1.30 -21.27 -21.54
C TYR B 82 -0.16 -22.13 -21.06
N LEU B 83 -0.39 -22.78 -19.94
CA LEU B 83 0.52 -23.80 -19.47
C LEU B 83 -0.20 -25.05 -19.01
N GLN B 84 0.03 -26.18 -19.68
CA GLN B 84 -0.60 -27.44 -19.31
C GLN B 84 0.42 -28.17 -18.50
N MET B 85 0.08 -28.49 -17.25
CA MET B 85 1.04 -29.12 -16.37
C MET B 85 0.57 -30.50 -15.99
N ASN B 86 1.27 -31.52 -16.46
CA ASN B 86 0.98 -32.95 -16.09
C ASN B 86 2.03 -33.52 -15.17
N SER B 87 1.70 -34.65 -14.54
CA SER B 87 2.64 -35.36 -13.69
C SER B 87 3.26 -34.43 -12.67
N LEU B 88 2.40 -33.63 -12.05
CA LEU B 88 2.86 -32.58 -11.15
C LEU B 88 3.52 -33.18 -9.92
N LYS B 89 4.54 -32.47 -9.45
CA LYS B 89 5.31 -32.84 -8.31
C LYS B 89 5.24 -31.73 -7.25
N THR B 90 5.65 -32.09 -6.05
CA THR B 90 5.65 -31.27 -4.86
C THR B 90 6.43 -30.00 -5.11
N GLU B 91 7.59 -30.15 -5.71
CA GLU B 91 8.49 -29.04 -5.98
C GLU B 91 8.04 -28.10 -7.13
N ASP B 92 6.94 -28.42 -7.83
CA ASP B 92 6.32 -27.47 -8.77
C ASP B 92 5.45 -26.39 -8.07
N THR B 93 5.26 -26.53 -6.77
CA THR B 93 4.55 -25.49 -5.95
C THR B 93 5.27 -24.15 -6.13
N ALA B 94 4.53 -23.14 -6.58
CA ALA B 94 5.10 -21.84 -6.85
C ALA B 94 4.04 -20.85 -7.23
N VAL B 95 4.39 -19.58 -7.20
CA VAL B 95 3.70 -18.59 -8.00
C VAL B 95 4.22 -18.65 -9.50
N TYR B 96 3.28 -18.61 -10.43
CA TYR B 96 3.54 -18.71 -11.82
C TYR B 96 3.19 -17.39 -12.49
N TYR B 97 4.23 -16.81 -13.10
CA TYR B 97 4.16 -15.59 -13.82
C TYR B 97 4.18 -15.80 -15.36
N CYS B 98 3.23 -15.13 -16.03
CA CYS B 98 3.09 -15.09 -17.47
C CYS B 98 3.74 -13.81 -17.92
N THR B 99 4.89 -13.95 -18.55
CA THR B 99 5.71 -12.77 -18.76
C THR B 99 6.57 -12.79 -20.04
N PRO B 100 6.70 -11.64 -20.74
CA PRO B 100 7.71 -11.50 -21.79
C PRO B 100 9.07 -11.01 -21.23
N ILE B 101 9.18 -10.93 -19.91
CA ILE B 101 10.31 -10.32 -19.18
C ILE B 101 10.27 -8.81 -19.15
N ASP B 102 9.81 -8.16 -20.25
CA ASP B 102 9.67 -6.71 -20.32
C ASP B 102 8.66 -6.22 -19.28
N TYR B 103 7.61 -7.02 -19.07
CA TYR B 103 6.40 -6.66 -18.31
C TYR B 103 6.02 -7.82 -17.47
N TRP B 104 5.38 -7.54 -16.34
CA TRP B 104 4.95 -8.61 -15.39
C TRP B 104 3.61 -8.27 -14.72
N GLY B 105 2.85 -9.30 -14.38
CA GLY B 105 1.65 -9.19 -13.55
C GLY B 105 1.85 -9.93 -12.21
N GLN B 106 0.73 -10.11 -11.52
CA GLN B 106 0.62 -10.62 -10.16
C GLN B 106 0.89 -12.12 -9.97
N GLY B 107 0.58 -12.94 -10.97
CA GLY B 107 0.81 -14.34 -10.84
C GLY B 107 -0.37 -15.16 -10.37
N THR B 108 -0.28 -16.47 -10.57
CA THR B 108 -1.29 -17.36 -10.08
C THR B 108 -0.52 -18.45 -9.31
N THR B 109 -1.08 -18.90 -8.18
CA THR B 109 -0.32 -19.71 -7.23
C THR B 109 -0.69 -21.17 -7.40
N VAL B 110 0.31 -22.03 -7.58
CA VAL B 110 0.07 -23.47 -7.72
C VAL B 110 0.63 -24.26 -6.51
N THR B 111 -0.22 -25.04 -5.84
CA THR B 111 0.21 -25.81 -4.66
C THR B 111 0.04 -27.29 -4.95
N VAL B 112 1.12 -28.06 -4.93
CA VAL B 112 1.05 -29.50 -5.20
C VAL B 112 1.26 -30.31 -3.93
N SER B 113 0.16 -30.85 -3.39
CA SER B 113 0.16 -31.55 -2.11
C SER B 113 -1.02 -32.52 -2.00
N SER B 114 -0.87 -33.46 -1.06
CA SER B 114 -1.86 -34.52 -0.74
C SER B 114 -2.75 -34.14 0.43
N ALA B 115 -2.34 -33.12 1.16
CA ALA B 115 -3.11 -32.54 2.26
C ALA B 115 -4.40 -31.91 1.79
N SER B 116 -5.44 -32.07 2.61
CA SER B 116 -6.79 -31.52 2.39
C SER B 116 -6.84 -30.06 2.85
N THR B 117 -7.64 -29.24 2.17
CA THR B 117 -7.85 -27.87 2.62
C THR B 117 -8.32 -27.87 4.08
N LYS B 118 -7.73 -27.00 4.92
CA LYS B 118 -8.26 -26.75 6.28
C LYS B 118 -8.25 -25.24 6.63
N GLY B 119 -9.42 -24.68 6.90
CA GLY B 119 -9.52 -23.34 7.45
C GLY B 119 -8.87 -23.17 8.85
N PRO B 120 -8.54 -21.92 9.19
CA PRO B 120 -7.78 -21.65 10.41
C PRO B 120 -8.61 -21.53 11.72
N SER B 121 -7.98 -21.85 12.84
CA SER B 121 -8.55 -21.39 14.12
C SER B 121 -7.87 -20.07 14.43
N VAL B 122 -8.63 -19.14 15.00
CA VAL B 122 -8.09 -17.84 15.36
C VAL B 122 -8.12 -17.64 16.87
N PHE B 123 -6.96 -17.38 17.50
CA PHE B 123 -6.85 -17.31 18.96
C PHE B 123 -6.32 -15.90 19.36
N PRO B 124 -6.93 -15.30 20.38
CA PRO B 124 -6.47 -13.94 20.76
C PRO B 124 -5.11 -13.92 21.46
N LEU B 125 -4.30 -12.94 21.14
CA LEU B 125 -3.10 -12.62 21.92
C LEU B 125 -3.47 -11.34 22.67
N ALA B 126 -3.91 -11.53 23.92
CA ALA B 126 -4.45 -10.47 24.75
C ALA B 126 -3.39 -9.60 25.34
N PRO B 127 -3.67 -8.29 25.41
CA PRO B 127 -2.80 -7.31 26.09
C PRO B 127 -2.90 -7.39 27.62
N SER B 128 -2.10 -6.56 28.32
CA SER B 128 -2.01 -6.40 29.81
C SER B 128 -0.61 -6.85 30.31
N GLY B 134 6.28 0.46 30.81
CA GLY B 134 6.49 1.21 29.56
C GLY B 134 5.25 1.94 29.04
N GLY B 135 5.41 2.65 27.89
CA GLY B 135 4.29 3.36 27.26
C GLY B 135 3.47 2.62 26.20
N THR B 136 3.92 1.46 25.76
CA THR B 136 3.20 0.78 24.70
C THR B 136 2.71 -0.63 25.11
N ALA B 137 1.54 -1.01 24.59
CA ALA B 137 0.96 -2.34 24.79
C ALA B 137 0.94 -3.09 23.45
N ALA B 138 0.88 -4.41 23.51
CA ALA B 138 0.76 -5.21 22.29
C ALA B 138 -0.40 -6.14 22.42
N LEU B 139 -1.08 -6.37 21.29
CA LEU B 139 -2.07 -7.40 21.18
C LEU B 139 -2.01 -8.08 19.81
N GLY B 140 -2.84 -9.08 19.58
CA GLY B 140 -2.91 -9.67 18.24
C GLY B 140 -3.76 -10.91 18.13
N CYS B 141 -3.59 -11.62 17.03
CA CYS B 141 -4.40 -12.81 16.77
C CYS B 141 -3.48 -13.93 16.31
N LEU B 142 -3.64 -15.13 16.83
CA LEU B 142 -2.87 -16.24 16.33
C LEU B 142 -3.77 -16.98 15.34
N VAL B 143 -3.29 -17.10 14.11
CA VAL B 143 -4.04 -17.75 13.05
C VAL B 143 -3.38 -19.10 12.78
N LYS B 144 -3.93 -20.13 13.41
CA LYS B 144 -3.23 -21.37 13.54
C LYS B 144 -3.92 -22.54 12.81
N ASP B 145 -3.09 -23.34 12.12
CA ASP B 145 -3.43 -24.66 11.57
C ASP B 145 -4.32 -24.55 10.33
N TYR B 146 -3.85 -23.83 9.30
CA TYR B 146 -4.54 -23.80 8.01
C TYR B 146 -3.69 -24.39 6.88
N PHE B 147 -4.37 -24.75 5.82
CA PHE B 147 -3.73 -25.28 4.60
C PHE B 147 -4.71 -25.12 3.44
N PRO B 148 -4.21 -24.66 2.28
CA PRO B 148 -2.85 -24.18 2.12
C PRO B 148 -2.81 -22.67 2.33
N GLU B 149 -1.66 -22.06 2.03
CA GLU B 149 -1.53 -20.60 2.01
C GLU B 149 -2.42 -20.07 0.86
N PRO B 150 -2.87 -18.79 0.93
CA PRO B 150 -2.53 -17.81 1.96
C PRO B 150 -3.71 -17.51 2.88
N VAL B 151 -3.44 -16.84 3.99
CA VAL B 151 -4.54 -16.25 4.73
C VAL B 151 -4.37 -14.75 4.58
N THR B 152 -5.44 -14.03 4.82
CA THR B 152 -5.48 -12.59 4.82
C THR B 152 -5.88 -12.09 6.23
N VAL B 153 -5.21 -11.05 6.74
CA VAL B 153 -5.58 -10.48 8.04
C VAL B 153 -5.68 -8.96 7.89
N SER B 154 -6.82 -8.40 8.26
CA SER B 154 -6.91 -6.98 8.48
C SER B 154 -7.35 -6.71 9.93
N TRP B 155 -7.32 -5.44 10.32
CA TRP B 155 -7.78 -5.08 11.61
C TRP B 155 -8.87 -4.03 11.45
N ASN B 156 -9.94 -4.17 12.21
CA ASN B 156 -11.12 -3.26 12.12
C ASN B 156 -11.56 -2.93 10.71
N SER B 157 -11.61 -3.96 9.88
CA SER B 157 -12.04 -3.88 8.47
C SER B 157 -11.19 -2.99 7.58
N GLY B 158 -9.94 -2.79 7.97
CA GLY B 158 -9.04 -1.93 7.17
C GLY B 158 -8.79 -0.56 7.78
N ALA B 159 -9.58 -0.19 8.79
CA ALA B 159 -9.39 1.12 9.45
C ALA B 159 -8.10 1.18 10.30
N LEU B 160 -7.73 0.08 10.95
CA LEU B 160 -6.49 0.00 11.74
C LEU B 160 -5.31 -0.66 10.99
N THR B 161 -4.27 0.15 10.71
CA THR B 161 -3.20 -0.25 9.78
C THR B 161 -1.79 0.08 10.31
N SER B 162 -1.67 1.23 10.97
CA SER B 162 -0.40 1.70 11.50
C SER B 162 -0.11 0.86 12.72
N GLY B 163 1.13 0.47 12.90
CA GLY B 163 1.55 -0.34 14.06
C GLY B 163 1.29 -1.84 13.89
N VAL B 164 0.63 -2.21 12.80
CA VAL B 164 0.29 -3.61 12.53
C VAL B 164 1.48 -4.35 11.99
N HIS B 165 1.70 -5.53 12.52
CA HIS B 165 2.71 -6.43 11.93
C HIS B 165 2.07 -7.80 11.70
N THR B 166 1.76 -8.11 10.45
CA THR B 166 1.35 -9.45 10.04
C THR B 166 2.56 -10.22 9.52
N PHE B 167 2.92 -11.25 10.27
CA PHE B 167 4.15 -12.00 10.03
C PHE B 167 4.00 -13.01 8.87
N PRO B 168 5.11 -13.31 8.16
CA PRO B 168 5.16 -14.44 7.22
C PRO B 168 4.69 -15.71 7.89
N ALA B 169 3.76 -16.39 7.25
CA ALA B 169 3.34 -17.67 7.73
C ALA B 169 4.55 -18.59 7.89
N VAL B 170 4.49 -19.46 8.90
CA VAL B 170 5.43 -20.57 9.04
C VAL B 170 4.74 -21.91 8.93
N LEU B 171 5.46 -22.86 8.38
CA LEU B 171 4.97 -24.21 8.15
C LEU B 171 5.28 -25.03 9.42
N GLN B 172 4.28 -25.61 10.05
CA GLN B 172 4.53 -26.42 11.26
C GLN B 172 4.90 -27.87 10.92
N SER B 173 5.37 -28.63 11.90
CA SER B 173 5.82 -30.01 11.69
C SER B 173 4.63 -30.87 11.28
N SER B 174 3.45 -30.40 11.66
CA SER B 174 2.19 -30.94 11.27
C SER B 174 1.86 -30.87 9.75
N GLY B 175 2.59 -30.10 8.95
CA GLY B 175 2.17 -29.87 7.56
C GLY B 175 1.12 -28.77 7.40
N LEU B 176 0.68 -28.19 8.53
CA LEU B 176 -0.24 -27.03 8.50
C LEU B 176 0.51 -25.76 8.81
N TYR B 177 0.01 -24.65 8.30
CA TYR B 177 0.61 -23.32 8.47
C TYR B 177 0.07 -22.54 9.70
N SER B 178 0.87 -21.63 10.24
CA SER B 178 0.34 -20.65 11.17
C SER B 178 1.06 -19.30 11.05
N LEU B 179 0.38 -18.26 11.46
CA LEU B 179 0.96 -16.93 11.54
C LEU B 179 0.25 -16.16 12.63
N SER B 180 0.89 -15.08 13.06
CA SER B 180 0.26 -14.17 14.02
C SER B 180 0.24 -12.81 13.36
N SER B 181 -0.76 -12.03 13.73
CA SER B 181 -0.82 -10.65 13.34
C SER B 181 -0.92 -9.92 14.67
N VAL B 182 -0.05 -8.94 14.85
CA VAL B 182 -0.03 -8.11 16.03
C VAL B 182 -0.12 -6.60 15.76
N VAL B 183 -0.50 -5.89 16.80
CA VAL B 183 -0.55 -4.44 16.73
C VAL B 183 -0.05 -3.92 18.06
N THR B 184 0.84 -2.96 17.95
CA THR B 184 1.42 -2.31 19.07
C THR B 184 0.66 -0.98 19.19
N VAL B 185 0.28 -0.59 20.40
CA VAL B 185 -0.61 0.57 20.62
C VAL B 185 -0.19 1.33 21.88
N PRO B 186 -0.27 2.66 21.86
CA PRO B 186 -0.02 3.39 23.11
C PRO B 186 -0.96 2.82 24.12
N SER B 187 -0.46 2.50 25.31
CA SER B 187 -1.26 1.85 26.37
C SER B 187 -2.68 2.39 26.57
N SER B 188 -2.83 3.73 26.62
CA SER B 188 -4.16 4.32 26.86
C SER B 188 -5.17 4.11 25.74
N SER B 189 -4.71 3.80 24.54
CA SER B 189 -5.66 3.51 23.47
C SER B 189 -6.45 2.17 23.67
N LEU B 190 -6.00 1.34 24.62
CA LEU B 190 -6.88 0.29 25.15
C LEU B 190 -7.93 0.99 26.03
N GLY B 191 -9.20 0.70 25.86
CA GLY B 191 -10.23 1.41 26.64
C GLY B 191 -10.85 2.55 25.84
N THR B 192 -10.24 2.85 24.71
CA THR B 192 -10.70 3.95 23.89
C THR B 192 -10.83 3.39 22.49
N GLN B 193 -10.19 2.26 22.24
CA GLN B 193 -10.30 1.56 20.96
C GLN B 193 -10.69 0.12 21.17
N THR B 194 -11.45 -0.40 20.21
CA THR B 194 -11.73 -1.83 20.11
C THR B 194 -10.90 -2.48 18.99
N TYR B 195 -10.58 -3.76 19.19
CA TYR B 195 -9.66 -4.46 18.31
C TYR B 195 -10.25 -5.78 17.83
N ILE B 196 -10.56 -5.86 16.53
CA ILE B 196 -11.03 -7.09 15.89
C ILE B 196 -10.17 -7.40 14.66
N CYS B 197 -9.60 -8.60 14.64
CA CYS B 197 -8.87 -9.10 13.47
C CYS B 197 -9.83 -9.83 12.56
N ASN B 198 -9.74 -9.47 11.30
CA ASN B 198 -10.51 -10.09 10.24
C ASN B 198 -9.65 -11.05 9.43
N VAL B 199 -9.91 -12.33 9.57
CA VAL B 199 -9.06 -13.34 8.96
C VAL B 199 -9.87 -14.01 7.87
N ASN B 200 -9.28 -14.16 6.69
CA ASN B 200 -9.96 -14.83 5.57
C ASN B 200 -9.02 -15.85 4.96
N HIS B 201 -9.55 -17.05 4.76
CA HIS B 201 -8.85 -18.14 4.12
C HIS B 201 -9.67 -18.62 2.94
N LYS B 202 -9.41 -18.05 1.77
CA LYS B 202 -10.14 -18.35 0.57
C LYS B 202 -10.15 -19.82 0.19
N PRO B 203 -9.01 -20.52 0.28
CA PRO B 203 -9.05 -21.95 -0.09
C PRO B 203 -10.06 -22.81 0.63
N SER B 204 -10.39 -22.49 1.88
CA SER B 204 -11.34 -23.28 2.64
C SER B 204 -12.64 -22.53 2.73
N ASN B 205 -12.70 -21.37 2.07
CA ASN B 205 -13.93 -20.56 2.06
C ASN B 205 -14.33 -20.21 3.47
N THR B 206 -13.39 -19.64 4.20
CA THR B 206 -13.54 -19.52 5.62
C THR B 206 -13.16 -18.10 6.00
N LYS B 207 -14.02 -17.50 6.83
CA LYS B 207 -13.88 -16.12 7.35
C LYS B 207 -14.11 -16.19 8.87
N VAL B 208 -13.33 -15.44 9.63
CA VAL B 208 -13.41 -15.37 11.11
C VAL B 208 -13.11 -13.92 11.52
N ASP B 209 -13.82 -13.46 12.55
CA ASP B 209 -13.53 -12.16 13.18
C ASP B 209 -13.35 -12.44 14.64
N LYS B 210 -12.28 -11.92 15.23
CA LYS B 210 -12.03 -12.17 16.65
C LYS B 210 -11.75 -10.89 17.43
N LYS B 211 -12.72 -10.47 18.25
CA LYS B 211 -12.52 -9.32 19.15
C LYS B 211 -11.38 -9.69 20.12
N VAL B 212 -10.34 -8.85 20.22
CA VAL B 212 -9.24 -9.10 21.16
C VAL B 212 -9.30 -8.06 22.28
N GLU B 213 -9.27 -8.54 23.51
CA GLU B 213 -9.36 -7.67 24.69
C GLU B 213 -8.59 -8.26 25.87
N PRO B 214 -8.19 -7.40 26.85
CA PRO B 214 -7.53 -7.88 28.05
C PRO B 214 -8.35 -8.96 28.72
N LYS B 215 -7.68 -10.06 29.10
CA LYS B 215 -8.27 -11.12 29.93
C LYS B 215 -8.63 -10.55 31.33
N SER B 216 -9.56 -11.20 32.01
CA SER B 216 -9.67 -10.99 33.46
C SER B 216 -9.29 -12.28 34.16
N ASP C 1 -3.27 37.27 12.78
CA ASP C 1 -1.93 37.56 13.44
C ASP C 1 -0.63 37.26 12.64
N ILE C 2 -0.45 36.01 12.19
CA ILE C 2 0.69 35.63 11.32
C ILE C 2 0.26 34.97 10.01
N VAL C 3 0.89 35.39 8.91
CA VAL C 3 0.61 34.92 7.56
C VAL C 3 1.78 34.14 6.95
N MET C 4 1.53 32.87 6.58
CA MET C 4 2.52 32.10 5.82
C MET C 4 2.11 31.98 4.32
N THR C 5 2.83 32.66 3.43
CA THR C 5 2.56 32.67 1.97
C THR C 5 3.52 31.74 1.23
N GLN C 6 3.04 30.59 0.74
CA GLN C 6 3.83 29.68 -0.10
C GLN C 6 3.59 29.98 -1.56
N THR C 7 4.65 30.01 -2.37
CA THR C 7 4.52 30.00 -3.86
C THR C 7 5.57 29.12 -4.60
N PRO C 8 5.19 28.52 -5.75
CA PRO C 8 3.86 28.49 -6.31
C PRO C 8 2.98 27.58 -5.46
N LEU C 9 1.72 27.50 -5.82
CA LEU C 9 0.69 26.72 -5.11
C LEU C 9 0.66 25.33 -5.71
N SER C 10 1.21 25.21 -6.93
CA SER C 10 1.34 23.90 -7.58
C SER C 10 2.59 23.85 -8.48
N LEU C 11 3.14 22.66 -8.70
CA LEU C 11 4.31 22.49 -9.59
C LEU C 11 4.17 21.14 -10.23
N SER C 12 4.62 21.04 -11.47
CA SER C 12 4.62 19.81 -12.24
C SER C 12 6.03 19.65 -12.75
N VAL C 13 6.77 18.63 -12.32
CA VAL C 13 8.18 18.56 -12.69
C VAL C 13 8.60 17.17 -13.26
N THR C 14 9.46 17.13 -14.27
CA THR C 14 9.85 15.81 -14.79
C THR C 14 10.92 15.18 -13.86
N PRO C 15 10.77 13.89 -13.53
CA PRO C 15 11.73 13.30 -12.58
C PRO C 15 13.12 13.56 -13.16
N GLY C 16 14.14 13.71 -12.30
CA GLY C 16 15.48 14.21 -12.67
C GLY C 16 15.68 15.72 -12.62
N GLN C 17 14.60 16.48 -12.80
CA GLN C 17 14.67 17.93 -12.74
C GLN C 17 14.47 18.49 -11.32
N PRO C 18 14.88 19.76 -11.07
CA PRO C 18 14.75 20.27 -9.71
C PRO C 18 13.40 20.93 -9.44
N ALA C 19 13.02 20.98 -8.17
CA ALA C 19 11.80 21.64 -7.71
C ALA C 19 12.18 22.68 -6.67
N SER C 20 11.53 23.83 -6.64
CA SER C 20 11.77 24.82 -5.59
C SER C 20 10.43 25.42 -5.07
N ILE C 21 10.27 25.49 -3.75
CA ILE C 21 9.06 26.05 -3.09
C ILE C 21 9.46 27.16 -2.15
N SER C 22 8.84 28.31 -2.31
CA SER C 22 9.20 29.47 -1.50
C SER C 22 8.18 29.63 -0.37
N CYS C 23 8.66 30.06 0.78
CA CYS C 23 7.75 30.27 1.91
C CYS C 23 8.19 31.51 2.62
N LYS C 24 7.28 32.47 2.66
CA LYS C 24 7.52 33.81 3.24
C LYS C 24 6.56 34.03 4.43
N SER C 25 7.05 34.45 5.58
CA SER C 25 6.19 34.78 6.73
C SER C 25 5.98 36.26 6.88
N SER C 26 4.83 36.64 7.45
CA SER C 26 4.51 38.07 7.69
C SER C 26 5.34 38.70 8.77
N GLN C 27 6.09 37.88 9.52
CA GLN C 27 7.06 38.41 10.53
C GLN C 27 8.25 37.49 10.70
N SER C 28 9.38 38.05 11.12
CA SER C 28 10.62 37.26 11.22
C SER C 28 10.42 36.11 12.20
N LEU C 29 10.92 34.93 11.79
CA LEU C 29 10.75 33.73 12.57
C LEU C 29 12.02 33.45 13.38
N LEU C 30 12.98 34.35 13.32
CA LEU C 30 14.08 34.27 14.26
C LEU C 30 13.56 34.52 15.69
N TYR C 31 13.58 33.50 16.52
CA TYR C 31 13.09 33.57 17.88
C TYR C 31 14.21 34.11 18.76
N SER C 32 13.81 34.67 19.93
CA SER C 32 14.75 35.30 20.86
C SER C 32 15.86 34.34 21.32
N ASN C 33 15.60 33.05 21.28
CA ASN C 33 16.64 32.10 21.68
C ASN C 33 17.65 31.90 20.59
N GLY C 34 17.48 32.63 19.51
CA GLY C 34 18.41 32.57 18.40
C GLY C 34 18.18 31.37 17.49
N LYS C 35 17.12 30.60 17.75
CA LYS C 35 16.76 29.57 16.77
C LYS C 35 15.60 30.01 15.84
N THR C 36 15.56 29.46 14.61
CA THR C 36 14.50 29.77 13.63
C THR C 36 13.63 28.52 13.40
N TYR C 37 12.40 28.56 13.90
CA TYR C 37 11.48 27.41 13.86
C TYR C 37 10.66 27.37 12.55
N LEU C 38 11.35 27.07 11.44
CA LEU C 38 10.65 26.86 10.19
C LEU C 38 10.83 25.39 9.77
N ASN C 39 9.70 24.69 9.74
CA ASN C 39 9.57 23.31 9.35
C ASN C 39 8.93 23.11 7.99
N TRP C 40 9.21 21.98 7.39
CA TRP C 40 8.47 21.61 6.20
C TRP C 40 7.86 20.24 6.41
N VAL C 41 6.61 20.13 5.99
CA VAL C 41 5.87 18.90 6.13
C VAL C 41 5.34 18.45 4.77
N LEU C 42 5.40 17.14 4.48
CA LEU C 42 4.85 16.58 3.27
C LEU C 42 3.65 15.73 3.64
N GLN C 43 2.54 15.92 2.95
CA GLN C 43 1.48 14.92 3.04
C GLN C 43 1.40 14.18 1.69
N LYS C 44 1.71 12.89 1.70
CA LYS C 44 1.64 12.13 0.43
C LYS C 44 0.20 11.79 0.11
N PRO C 45 -0.12 11.50 -1.18
CA PRO C 45 -1.53 11.24 -1.43
C PRO C 45 -2.06 10.04 -0.64
N GLY C 46 -3.19 10.29 0.04
CA GLY C 46 -3.87 9.29 0.83
C GLY C 46 -3.21 8.99 2.17
N GLN C 47 -2.19 9.79 2.53
CA GLN C 47 -1.45 9.52 3.72
C GLN C 47 -1.57 10.61 4.76
N SER C 48 -1.21 10.31 6.00
CA SER C 48 -1.04 11.38 6.97
C SER C 48 0.25 12.19 6.76
N PRO C 49 0.27 13.45 7.23
CA PRO C 49 1.41 14.34 7.04
C PRO C 49 2.67 13.74 7.67
N GLN C 50 3.86 14.18 7.26
CA GLN C 50 5.12 13.70 7.83
C GLN C 50 6.06 14.89 7.80
N ARG C 51 6.85 15.07 8.86
CA ARG C 51 7.75 16.22 8.80
C ARG C 51 8.97 15.75 8.00
N LEU C 52 9.57 16.65 7.26
CA LEU C 52 10.78 16.36 6.43
C LEU C 52 11.98 17.19 6.83
N ILE C 53 11.71 18.45 7.22
CA ILE C 53 12.72 19.46 7.55
C ILE C 53 12.27 20.27 8.81
N TYR C 54 13.24 20.53 9.69
CA TYR C 54 13.06 21.35 10.88
C TYR C 54 14.25 22.28 11.04
N LEU C 55 14.03 23.36 11.80
CA LEU C 55 15.07 24.38 12.04
C LEU C 55 15.66 24.89 10.76
N VAL C 56 14.78 25.22 9.83
CA VAL C 56 15.14 25.74 8.49
C VAL C 56 15.76 24.73 7.54
N SER C 57 16.74 23.98 8.03
CA SER C 57 17.66 23.30 7.17
C SER C 57 17.96 21.88 7.55
N LYS C 58 17.39 21.38 8.65
CA LYS C 58 17.72 20.04 9.13
C LYS C 58 16.75 18.95 8.65
N LEU C 59 17.34 17.93 8.04
CA LEU C 59 16.59 16.82 7.47
C LEU C 59 16.15 15.84 8.55
N ASP C 60 14.89 15.40 8.49
CA ASP C 60 14.44 14.35 9.40
C ASP C 60 15.02 13.02 8.93
N SER C 61 15.12 12.07 9.84
CA SER C 61 15.44 10.68 9.56
C SER C 61 14.63 10.12 8.38
N GLY C 62 15.33 9.50 7.42
CA GLY C 62 14.68 8.79 6.30
C GLY C 62 14.40 9.71 5.15
N VAL C 63 14.71 11.00 5.30
CA VAL C 63 14.54 11.94 4.19
C VAL C 63 15.80 11.95 3.28
N PRO C 64 15.59 11.88 1.95
CA PRO C 64 16.78 11.91 1.05
C PRO C 64 17.45 13.27 0.95
N ASP C 65 18.78 13.20 0.89
CA ASP C 65 19.70 14.35 0.71
C ASP C 65 19.43 15.16 -0.53
N ARG C 66 18.61 14.63 -1.44
CA ARG C 66 18.10 15.41 -2.57
C ARG C 66 17.24 16.59 -2.07
N PHE C 67 16.65 16.43 -0.89
CA PHE C 67 15.86 17.52 -0.22
C PHE C 67 16.81 18.43 0.52
N SER C 68 16.58 19.73 0.46
CA SER C 68 17.29 20.64 1.35
C SER C 68 16.43 21.84 1.69
N GLY C 69 16.60 22.38 2.90
CA GLY C 69 15.96 23.64 3.33
C GLY C 69 16.97 24.78 3.56
N SER C 70 16.62 26.01 3.13
CA SER C 70 17.47 27.19 3.37
C SER C 70 16.63 28.43 3.69
N GLY C 71 17.29 29.54 4.00
CA GLY C 71 16.63 30.82 4.24
C GLY C 71 16.85 31.37 5.65
N SER C 72 16.20 32.50 5.95
CA SER C 72 16.27 33.16 7.27
C SER C 72 15.24 34.26 7.41
N GLY C 73 15.01 34.70 8.66
CA GLY C 73 14.17 35.87 8.94
C GLY C 73 12.76 35.59 8.50
N THR C 74 12.40 36.15 7.35
CA THR C 74 11.09 35.99 6.81
C THR C 74 11.04 35.11 5.56
N ASP C 75 12.20 34.88 4.91
CA ASP C 75 12.22 34.17 3.60
C ASP C 75 12.83 32.77 3.64
N PHE C 76 12.12 31.76 3.13
CA PHE C 76 12.57 30.35 3.27
C PHE C 76 12.35 29.52 1.99
N THR C 77 13.20 28.51 1.75
CA THR C 77 13.12 27.72 0.50
C THR C 77 13.34 26.24 0.73
N LEU C 78 12.40 25.44 0.24
CA LEU C 78 12.57 24.00 0.12
C LEU C 78 13.01 23.73 -1.33
N LYS C 79 14.11 23.03 -1.48
CA LYS C 79 14.51 22.64 -2.82
C LYS C 79 14.63 21.14 -2.89
N ILE C 80 14.30 20.59 -4.05
CA ILE C 80 14.57 19.19 -4.31
C ILE C 80 15.54 19.21 -5.47
N SER C 81 16.68 18.57 -5.31
CA SER C 81 17.71 18.64 -6.34
C SER C 81 17.23 17.93 -7.59
N ARG C 82 16.72 16.71 -7.41
CA ARG C 82 16.33 15.85 -8.54
C ARG C 82 15.08 15.05 -8.17
N VAL C 83 13.92 15.55 -8.62
CA VAL C 83 12.62 15.00 -8.19
C VAL C 83 12.56 13.51 -8.57
N GLU C 84 12.09 12.70 -7.63
CA GLU C 84 11.79 11.32 -7.88
C GLU C 84 10.28 11.14 -7.64
N ALA C 85 9.69 10.08 -8.17
CA ALA C 85 8.23 9.89 -8.09
C ALA C 85 7.62 9.79 -6.65
N GLU C 86 8.34 9.22 -5.67
CA GLU C 86 7.84 9.21 -4.27
C GLU C 86 7.65 10.61 -3.69
N ASP C 87 8.08 11.69 -4.39
CA ASP C 87 8.16 13.02 -3.78
C ASP C 87 6.81 13.69 -3.97
N VAL C 88 5.93 13.05 -4.77
CA VAL C 88 4.60 13.61 -5.08
C VAL C 88 3.70 13.80 -3.82
N GLY C 89 2.89 14.85 -3.82
CA GLY C 89 2.10 15.18 -2.62
C GLY C 89 1.99 16.68 -2.41
N VAL C 90 1.63 17.12 -1.21
CA VAL C 90 1.48 18.57 -1.00
C VAL C 90 2.52 18.85 0.09
N TYR C 91 3.31 19.90 -0.13
CA TYR C 91 4.30 20.37 0.80
C TYR C 91 3.79 21.62 1.54
N TYR C 92 4.01 21.65 2.86
CA TYR C 92 3.55 22.76 3.72
C TYR C 92 4.71 23.37 4.50
N CYS C 93 4.98 24.67 4.39
CA CYS C 93 5.83 25.21 5.46
C CYS C 93 5.02 25.42 6.73
N VAL C 94 5.68 25.36 7.90
CA VAL C 94 5.01 25.52 9.20
C VAL C 94 5.96 26.15 10.25
N GLN C 95 5.65 27.40 10.56
CA GLN C 95 6.33 28.28 11.50
C GLN C 95 6.04 27.73 12.87
N GLY C 96 7.05 27.68 13.75
CA GLY C 96 6.77 27.33 15.16
C GLY C 96 7.34 28.38 16.11
N SER C 97 7.78 29.53 15.62
CA SER C 97 8.32 30.55 16.48
C SER C 97 7.25 31.31 17.32
N HIS C 98 6.03 31.38 16.82
CA HIS C 98 4.94 31.98 17.54
C HIS C 98 3.70 31.12 17.27
N PHE C 99 3.47 30.19 18.19
CA PHE C 99 2.55 29.07 18.06
C PHE C 99 2.85 28.33 16.74
N HIS C 100 1.84 27.95 15.96
CA HIS C 100 2.10 27.40 14.63
C HIS C 100 1.16 28.08 13.64
N THR C 101 1.66 28.30 12.46
CA THR C 101 0.79 28.55 11.34
C THR C 101 1.39 27.89 10.14
N PHE C 102 0.50 27.37 9.28
CA PHE C 102 0.82 26.62 8.07
C PHE C 102 0.65 27.47 6.78
N GLY C 103 1.59 27.37 5.83
CA GLY C 103 1.36 27.82 4.46
C GLY C 103 0.20 27.07 3.81
N GLN C 104 -0.16 27.51 2.60
CA GLN C 104 -1.37 27.07 1.91
C GLN C 104 -1.16 25.66 1.42
N GLY C 105 0.07 25.31 1.11
CA GLY C 105 0.30 24.02 0.53
C GLY C 105 0.72 24.26 -0.88
N THR C 106 1.64 23.42 -1.34
CA THR C 106 2.11 23.44 -2.71
C THR C 106 2.06 21.99 -3.20
N LYS C 107 1.25 21.74 -4.20
CA LYS C 107 1.03 20.42 -4.73
C LYS C 107 2.12 20.09 -5.76
N LEU C 108 2.82 18.97 -5.56
CA LEU C 108 3.82 18.47 -6.53
C LEU C 108 3.29 17.27 -7.34
N GLU C 109 3.40 17.36 -8.67
CA GLU C 109 2.93 16.30 -9.54
C GLU C 109 4.05 15.92 -10.49
N ILE C 110 4.11 14.68 -10.96
CA ILE C 110 5.25 14.27 -11.75
C ILE C 110 4.87 14.53 -13.20
N LYS C 111 5.72 15.23 -13.93
CA LYS C 111 5.52 15.38 -15.37
C LYS C 111 6.01 14.12 -16.07
N ARG C 112 5.35 13.76 -17.15
CA ARG C 112 5.71 12.62 -17.98
C ARG C 112 5.19 12.96 -19.37
N THR C 113 5.48 12.08 -20.33
CA THR C 113 5.05 12.26 -21.71
C THR C 113 3.56 12.04 -21.86
N VAL C 114 2.94 12.82 -22.74
CA VAL C 114 1.56 12.59 -23.21
C VAL C 114 1.17 11.12 -23.31
N ALA C 115 0.04 10.74 -22.70
CA ALA C 115 -0.56 9.43 -22.91
C ALA C 115 -2.07 9.62 -23.05
N ALA C 116 -2.61 9.05 -24.15
CA ALA C 116 -3.98 9.26 -24.56
C ALA C 116 -4.88 8.37 -23.69
N PRO C 117 -6.07 8.86 -23.31
CA PRO C 117 -7.02 8.01 -22.59
C PRO C 117 -7.57 6.88 -23.45
N SER C 118 -7.85 5.75 -22.80
CA SER C 118 -8.76 4.77 -23.40
C SER C 118 -10.17 5.05 -22.80
N VAL C 119 -11.24 4.92 -23.61
CA VAL C 119 -12.58 5.42 -23.25
C VAL C 119 -13.65 4.35 -23.27
N PHE C 120 -14.57 4.42 -22.31
CA PHE C 120 -15.56 3.38 -22.03
C PHE C 120 -16.79 4.14 -21.60
N ILE C 121 -17.94 3.68 -22.09
CA ILE C 121 -19.24 4.16 -21.65
C ILE C 121 -20.10 3.08 -21.01
N PHE C 122 -20.79 3.40 -19.93
CA PHE C 122 -21.59 2.39 -19.26
C PHE C 122 -22.96 2.90 -19.13
N PRO C 123 -23.94 2.17 -19.71
CA PRO C 123 -25.32 2.59 -19.59
C PRO C 123 -25.77 2.27 -18.16
N PRO C 124 -26.87 2.88 -17.69
CA PRO C 124 -27.43 2.55 -16.37
C PRO C 124 -27.79 1.08 -16.24
N SER C 125 -27.62 0.51 -15.04
CA SER C 125 -28.02 -0.89 -14.79
C SER C 125 -29.54 -1.04 -14.78
N ASP C 126 -30.01 -2.23 -15.13
CA ASP C 126 -31.43 -2.52 -15.09
C ASP C 126 -31.97 -2.29 -13.68
N GLU C 127 -31.22 -2.74 -12.66
CA GLU C 127 -31.69 -2.61 -11.28
C GLU C 127 -31.81 -1.14 -10.89
N GLN C 128 -30.89 -0.30 -11.34
CA GLN C 128 -30.94 1.11 -10.96
C GLN C 128 -32.15 1.80 -11.60
N LEU C 129 -32.27 1.67 -12.93
CA LEU C 129 -33.42 2.20 -13.69
C LEU C 129 -34.77 2.00 -12.98
N LYS C 130 -35.09 0.73 -12.66
CA LYS C 130 -36.37 0.35 -12.07
C LYS C 130 -36.68 1.03 -10.74
N SER C 131 -35.66 1.53 -10.02
CA SER C 131 -35.88 2.30 -8.78
C SER C 131 -35.92 3.80 -9.02
N GLY C 132 -35.75 4.23 -10.28
CA GLY C 132 -36.18 5.57 -10.65
C GLY C 132 -35.19 6.59 -11.16
N THR C 133 -33.89 6.26 -11.10
CA THR C 133 -32.83 7.15 -11.59
C THR C 133 -31.98 6.39 -12.60
N ALA C 134 -31.34 7.13 -13.50
CA ALA C 134 -30.47 6.57 -14.50
C ALA C 134 -29.12 7.27 -14.41
N SER C 135 -28.08 6.52 -14.08
CA SER C 135 -26.73 7.12 -14.09
C SER C 135 -25.94 6.59 -15.28
N VAL C 136 -25.30 7.47 -16.03
CA VAL C 136 -24.57 6.99 -17.19
C VAL C 136 -23.16 7.39 -16.94
N VAL C 137 -22.22 6.43 -17.02
CA VAL C 137 -20.81 6.64 -16.63
C VAL C 137 -19.85 6.55 -17.81
N CYS C 138 -18.91 7.48 -17.84
CA CYS C 138 -17.88 7.49 -18.90
C CYS C 138 -16.50 7.47 -18.25
N LEU C 139 -15.70 6.45 -18.58
CA LEU C 139 -14.38 6.31 -17.97
C LEU C 139 -13.32 6.59 -18.99
N LEU C 140 -12.36 7.40 -18.59
CA LEU C 140 -11.15 7.62 -19.35
C LEU C 140 -10.06 6.98 -18.49
N ASN C 141 -9.31 6.09 -19.10
CA ASN C 141 -8.31 5.31 -18.43
C ASN C 141 -6.89 5.76 -18.81
N ASN C 142 -6.13 6.08 -17.78
CA ASN C 142 -4.68 6.08 -17.82
C ASN C 142 -4.05 7.03 -18.86
N PHE C 143 -4.28 8.31 -18.62
CA PHE C 143 -3.93 9.37 -19.53
C PHE C 143 -3.05 10.45 -18.87
N TYR C 144 -2.38 11.26 -19.69
CA TYR C 144 -1.57 12.37 -19.25
C TYR C 144 -1.41 13.37 -20.40
N PRO C 145 -1.60 14.68 -20.14
CA PRO C 145 -1.82 15.28 -18.82
C PRO C 145 -3.25 15.18 -18.37
N ARG C 146 -3.53 15.89 -17.30
CA ARG C 146 -4.80 15.82 -16.58
C ARG C 146 -5.95 16.47 -17.34
N GLU C 147 -5.64 17.58 -17.97
CA GLU C 147 -6.62 18.34 -18.75
C GLU C 147 -7.27 17.43 -19.80
N ALA C 148 -8.60 17.48 -19.85
CA ALA C 148 -9.40 16.65 -20.75
C ALA C 148 -10.79 17.18 -20.65
N LYS C 149 -11.42 17.22 -21.80
CA LYS C 149 -12.75 17.74 -21.93
C LYS C 149 -13.63 16.56 -22.32
N VAL C 150 -14.61 16.31 -21.47
CA VAL C 150 -15.47 15.20 -21.57
C VAL C 150 -16.79 15.88 -21.72
N GLN C 151 -17.44 15.60 -22.86
CA GLN C 151 -18.76 16.17 -23.14
C GLN C 151 -19.79 15.08 -23.35
N TRP C 152 -20.96 15.29 -22.76
CA TRP C 152 -22.08 14.40 -22.97
C TRP C 152 -23.08 14.85 -24.04
N LYS C 153 -23.36 13.95 -24.98
CA LYS C 153 -24.40 14.18 -26.01
C LYS C 153 -25.53 13.18 -25.97
N VAL C 154 -26.76 13.69 -25.88
CA VAL C 154 -27.92 12.85 -25.90
C VAL C 154 -28.71 13.14 -27.20
N ASP C 155 -28.71 12.17 -28.11
CA ASP C 155 -29.35 12.29 -29.41
C ASP C 155 -28.76 13.43 -30.15
N ASN C 156 -27.42 13.50 -30.05
CA ASN C 156 -26.63 14.47 -30.77
C ASN C 156 -26.65 15.85 -30.08
N ALA C 157 -27.45 16.01 -29.03
CA ALA C 157 -27.54 17.31 -28.36
C ALA C 157 -26.67 17.45 -27.08
N LEU C 158 -25.77 18.47 -27.06
CA LEU C 158 -24.80 18.72 -25.94
C LEU C 158 -25.52 18.97 -24.65
N GLN C 159 -25.08 18.35 -23.55
CA GLN C 159 -25.75 18.49 -22.27
C GLN C 159 -25.09 19.57 -21.41
N SER C 160 -25.83 20.06 -20.43
CA SER C 160 -25.32 21.18 -19.63
C SER C 160 -25.83 20.98 -18.23
N GLY C 161 -24.91 20.95 -17.28
CA GLY C 161 -25.23 21.01 -15.85
C GLY C 161 -25.73 19.75 -15.18
N ASN C 162 -25.82 18.66 -15.94
CA ASN C 162 -26.30 17.40 -15.40
C ASN C 162 -25.22 16.29 -15.23
N SER C 163 -23.95 16.68 -15.27
CA SER C 163 -22.87 15.68 -15.11
C SER C 163 -21.81 16.17 -14.12
N GLN C 164 -21.11 15.21 -13.51
CA GLN C 164 -20.08 15.53 -12.50
C GLN C 164 -18.85 14.66 -12.77
N GLU C 165 -17.64 15.20 -12.66
CA GLU C 165 -16.40 14.41 -12.87
C GLU C 165 -15.69 14.06 -11.58
N SER C 166 -14.96 12.96 -11.60
CA SER C 166 -14.08 12.62 -10.51
C SER C 166 -12.77 12.14 -11.16
N VAL C 167 -11.61 12.41 -10.52
CA VAL C 167 -10.23 12.10 -11.07
C VAL C 167 -9.37 11.49 -9.98
N THR C 168 -8.63 10.43 -10.33
CA THR C 168 -7.78 9.71 -9.35
C THR C 168 -6.50 10.54 -9.16
N GLU C 169 -5.66 10.20 -8.18
CA GLU C 169 -4.34 10.82 -8.07
C GLU C 169 -3.45 10.14 -9.12
N GLN C 170 -2.27 10.71 -9.34
CA GLN C 170 -1.31 10.12 -10.26
C GLN C 170 -1.04 8.68 -9.86
N ASP C 171 -1.14 7.77 -10.83
CA ASP C 171 -0.80 6.36 -10.60
C ASP C 171 0.67 6.28 -10.15
N SER C 172 0.98 5.41 -9.20
CA SER C 172 2.36 5.28 -8.66
C SER C 172 3.30 4.56 -9.62
N LYS C 173 2.76 3.74 -10.52
CA LYS C 173 3.61 3.06 -11.50
C LYS C 173 3.86 3.91 -12.75
N ASP C 174 2.85 4.60 -13.26
CA ASP C 174 3.07 5.27 -14.55
C ASP C 174 2.75 6.76 -14.56
N SER C 175 2.28 7.28 -13.43
CA SER C 175 2.05 8.76 -13.22
C SER C 175 0.94 9.36 -14.10
N THR C 176 0.09 8.49 -14.65
CA THR C 176 -1.05 8.96 -15.42
C THR C 176 -2.26 9.14 -14.52
N TYR C 177 -3.30 9.72 -15.11
CA TYR C 177 -4.56 9.94 -14.44
C TYR C 177 -5.68 9.01 -14.95
N SER C 178 -6.72 8.82 -14.12
CA SER C 178 -7.95 8.19 -14.56
C SER C 178 -9.14 9.08 -14.10
N LEU C 179 -10.25 9.06 -14.85
CA LEU C 179 -11.34 10.00 -14.70
C LEU C 179 -12.65 9.33 -14.99
N SER C 180 -13.68 9.73 -14.24
CA SER C 180 -15.02 9.29 -14.57
C SER C 180 -15.84 10.55 -14.71
N SER C 181 -16.82 10.49 -15.61
CA SER C 181 -17.80 11.54 -15.78
C SER C 181 -19.07 10.80 -15.70
N THR C 182 -19.97 11.32 -14.86
CA THR C 182 -21.20 10.67 -14.53
C THR C 182 -22.38 11.59 -14.90
N LEU C 183 -23.32 11.09 -15.72
CA LEU C 183 -24.50 11.83 -16.17
C LEU C 183 -25.69 11.30 -15.39
N THR C 184 -26.36 12.15 -14.64
CA THR C 184 -27.56 11.70 -13.94
C THR C 184 -28.88 12.29 -14.53
N LEU C 185 -29.90 11.43 -14.63
CA LEU C 185 -31.25 11.81 -15.01
C LEU C 185 -32.29 10.88 -14.35
N SER C 186 -33.53 11.37 -14.29
CA SER C 186 -34.67 10.54 -13.88
C SER C 186 -34.94 9.42 -14.90
N LYS C 187 -35.44 8.30 -14.41
CA LYS C 187 -35.95 7.24 -15.26
C LYS C 187 -36.84 7.73 -16.41
N ALA C 188 -37.68 8.72 -16.13
CA ALA C 188 -38.59 9.27 -17.12
C ALA C 188 -37.81 9.97 -18.24
N ASP C 189 -36.93 10.88 -17.86
CA ASP C 189 -36.10 11.59 -18.83
C ASP C 189 -35.18 10.68 -19.62
N TYR C 190 -34.63 9.69 -18.95
CA TYR C 190 -33.79 8.72 -19.59
C TYR C 190 -34.61 8.02 -20.67
N GLU C 191 -35.82 7.56 -20.35
CA GLU C 191 -36.67 6.83 -21.31
C GLU C 191 -37.18 7.71 -22.47
N LYS C 192 -36.73 8.96 -22.55
CA LYS C 192 -37.20 9.95 -23.54
C LYS C 192 -36.37 9.90 -24.81
N HIS C 193 -35.13 9.44 -24.68
CA HIS C 193 -34.21 9.52 -25.82
C HIS C 193 -33.49 8.20 -26.06
N LYS C 194 -32.88 8.10 -27.23
CA LYS C 194 -32.35 6.85 -27.76
C LYS C 194 -30.81 6.75 -27.66
N VAL C 195 -30.11 7.83 -28.01
CA VAL C 195 -28.65 7.78 -28.17
C VAL C 195 -27.90 8.54 -27.05
N TYR C 196 -27.04 7.81 -26.33
CA TYR C 196 -26.19 8.40 -25.29
C TYR C 196 -24.73 8.26 -25.62
N ALA C 197 -24.04 9.38 -25.51
CA ALA C 197 -22.73 9.53 -26.03
C ALA C 197 -21.87 10.35 -25.08
N CYS C 198 -20.65 9.84 -24.92
CA CYS C 198 -19.55 10.45 -24.22
C CYS C 198 -18.47 10.85 -25.24
N GLU C 199 -18.14 12.14 -25.30
CA GLU C 199 -17.12 12.62 -26.26
C GLU C 199 -15.86 13.20 -25.63
N VAL C 200 -14.72 12.56 -25.89
CA VAL C 200 -13.48 12.92 -25.22
C VAL C 200 -12.42 13.59 -26.06
N THR C 201 -12.04 14.80 -25.64
CA THR C 201 -10.97 15.62 -26.23
C THR C 201 -9.72 15.68 -25.30
N HIS C 202 -8.55 15.34 -25.86
CA HIS C 202 -7.31 15.23 -25.06
C HIS C 202 -6.17 15.33 -26.03
N GLN C 203 -5.09 15.97 -25.61
CA GLN C 203 -3.97 16.25 -26.48
C GLN C 203 -3.26 14.99 -26.93
N GLY C 204 -3.55 13.84 -26.31
CA GLY C 204 -3.01 12.57 -26.78
C GLY C 204 -3.77 12.04 -27.99
N LEU C 205 -4.92 12.66 -28.28
CA LEU C 205 -5.84 12.14 -29.28
C LEU C 205 -5.96 13.02 -30.53
N SER C 206 -5.62 12.42 -31.69
CA SER C 206 -5.74 13.02 -33.04
C SER C 206 -6.93 13.94 -33.17
N SER C 207 -8.08 13.44 -32.74
CA SER C 207 -9.32 14.20 -32.74
C SER C 207 -10.26 13.56 -31.71
N PRO C 208 -11.31 14.28 -31.27
CA PRO C 208 -12.20 13.77 -30.22
C PRO C 208 -12.66 12.31 -30.40
N VAL C 209 -12.60 11.55 -29.31
CA VAL C 209 -13.05 10.16 -29.36
C VAL C 209 -14.44 10.12 -28.72
N THR C 210 -15.37 9.39 -29.35
CA THR C 210 -16.75 9.30 -28.94
C THR C 210 -17.12 7.85 -28.63
N LYS C 211 -17.67 7.61 -27.44
CA LYS C 211 -18.19 6.29 -27.13
C LYS C 211 -19.67 6.49 -26.86
N SER C 212 -20.51 5.63 -27.40
CA SER C 212 -21.97 5.83 -27.30
C SER C 212 -22.71 4.53 -27.39
N PHE C 213 -23.86 4.45 -26.73
CA PHE C 213 -24.74 3.29 -26.92
C PHE C 213 -26.13 3.77 -27.36
N ASN C 214 -26.98 2.86 -27.84
CA ASN C 214 -28.38 3.16 -28.01
C ASN C 214 -29.14 2.46 -26.89
N ARG C 215 -30.09 3.15 -26.26
CA ARG C 215 -30.77 2.59 -25.10
C ARG C 215 -31.66 1.40 -25.44
N GLY C 216 -31.19 0.21 -25.13
CA GLY C 216 -31.90 -1.01 -25.50
C GLY C 216 -31.00 -1.98 -26.25
N GLU D 1 8.93 2.36 18.61
CA GLU D 1 8.25 3.23 17.60
C GLU D 1 7.36 4.33 18.21
N VAL D 2 7.44 5.51 17.59
CA VAL D 2 6.57 6.65 17.87
C VAL D 2 5.16 6.32 17.36
N GLN D 3 4.14 6.57 18.17
CA GLN D 3 2.75 6.34 17.77
C GLN D 3 1.87 7.45 18.37
N LEU D 4 0.98 7.99 17.54
CA LEU D 4 -0.04 8.96 17.90
C LEU D 4 -1.35 8.40 17.38
N VAL D 5 -2.28 8.14 18.28
CA VAL D 5 -3.50 7.43 17.94
C VAL D 5 -4.70 8.23 18.41
N GLU D 6 -5.34 8.86 17.44
CA GLU D 6 -6.47 9.78 17.61
C GLU D 6 -7.76 9.01 17.77
N SER D 7 -8.75 9.58 18.45
CA SER D 7 -10.03 8.93 18.56
C SER D 7 -11.14 9.89 19.01
N GLY D 8 -12.38 9.46 18.74
CA GLY D 8 -13.59 10.10 19.21
C GLY D 8 -14.35 10.74 18.06
N GLY D 9 -13.83 10.60 16.83
CA GLY D 9 -14.39 11.33 15.68
C GLY D 9 -15.73 10.73 15.31
N GLY D 10 -16.65 11.53 14.76
CA GLY D 10 -18.01 11.07 14.43
C GLY D 10 -18.93 12.12 13.80
N LEU D 11 -20.10 11.70 13.34
CA LEU D 11 -21.14 12.63 12.88
C LEU D 11 -21.74 13.37 14.10
N VAL D 12 -21.75 14.70 14.07
CA VAL D 12 -22.37 15.50 15.13
C VAL D 12 -23.22 16.64 14.54
N GLN D 13 -24.31 16.96 15.24
CA GLN D 13 -25.23 18.06 14.94
C GLN D 13 -24.56 19.39 15.07
N PRO D 14 -24.79 20.32 14.13
CA PRO D 14 -24.35 21.70 14.30
C PRO D 14 -24.86 22.25 15.66
N GLY D 15 -24.04 23.01 16.36
CA GLY D 15 -24.37 23.41 17.71
C GLY D 15 -23.99 22.34 18.73
N GLY D 16 -23.68 21.14 18.25
CA GLY D 16 -23.29 20.07 19.14
C GLY D 16 -21.92 20.17 19.80
N SER D 17 -21.64 19.13 20.58
CA SER D 17 -20.40 18.85 21.25
C SER D 17 -19.81 17.51 20.84
N LEU D 18 -18.49 17.37 21.03
CA LEU D 18 -17.76 16.11 20.74
C LEU D 18 -16.43 16.17 21.49
N ARG D 19 -16.06 15.07 22.14
CA ARG D 19 -14.73 14.92 22.76
C ARG D 19 -13.78 14.00 22.02
N LEU D 20 -12.64 14.57 21.60
CA LEU D 20 -11.56 13.81 20.95
C LEU D 20 -10.47 13.45 21.95
N SER D 21 -9.98 12.21 21.89
CA SER D 21 -8.76 11.87 22.57
C SER D 21 -7.61 11.34 21.67
N CYS D 22 -6.46 11.11 22.31
CA CYS D 22 -5.23 10.88 21.62
C CYS D 22 -4.36 10.20 22.67
N ALA D 23 -3.66 9.14 22.26
CA ALA D 23 -2.65 8.47 23.09
C ALA D 23 -1.34 8.36 22.32
N ALA D 24 -0.23 8.57 23.04
CA ALA D 24 1.06 8.73 22.41
C ALA D 24 2.05 7.80 23.05
N SER D 25 3.02 7.34 22.25
CA SER D 25 4.04 6.45 22.79
C SER D 25 5.22 6.68 21.96
N GLY D 26 6.41 6.47 22.53
CA GLY D 26 7.63 6.33 21.72
C GLY D 26 8.48 7.57 21.67
N PHE D 27 8.04 8.62 22.36
CA PHE D 27 8.87 9.79 22.50
C PHE D 27 8.54 10.41 23.86
N PRO D 28 9.38 11.37 24.33
CA PRO D 28 9.13 11.82 25.73
C PRO D 28 8.01 12.85 25.84
N PHE D 29 6.77 12.34 25.82
CA PHE D 29 5.57 13.14 25.72
C PHE D 29 5.55 14.37 26.66
N SER D 30 5.94 14.21 27.94
CA SER D 30 5.89 15.34 28.94
C SER D 30 6.81 16.50 28.61
N ASN D 31 7.77 16.24 27.73
CA ASN D 31 8.69 17.25 27.30
C ASN D 31 8.27 17.97 26.03
N TYR D 32 7.08 17.67 25.53
CA TYR D 32 6.65 18.14 24.19
C TYR D 32 5.41 19.00 24.33
N TRP D 33 5.47 20.21 23.81
CA TRP D 33 4.27 20.92 23.46
C TRP D 33 3.51 20.07 22.43
N MET D 34 2.21 19.88 22.70
CA MET D 34 1.33 19.09 21.89
C MET D 34 0.28 20.00 21.26
N ASN D 35 -0.12 19.68 20.00
CA ASN D 35 -1.15 20.48 19.29
C ASN D 35 -2.27 19.65 18.70
N TRP D 36 -3.41 20.29 18.45
CA TRP D 36 -4.39 19.73 17.57
C TRP D 36 -4.26 20.51 16.32
N VAL D 37 -4.26 19.80 15.18
CA VAL D 37 -4.22 20.40 13.82
C VAL D 37 -5.36 19.75 13.04
N ARG D 38 -5.94 20.46 12.07
CA ARG D 38 -7.05 19.90 11.30
C ARG D 38 -6.91 20.18 9.83
N GLN D 39 -7.74 19.49 9.06
CA GLN D 39 -7.71 19.48 7.60
C GLN D 39 -9.12 19.25 7.12
N ALA D 40 -9.77 20.33 6.70
CA ALA D 40 -11.11 20.23 6.14
C ALA D 40 -11.07 19.38 4.83
N PRO D 41 -12.21 18.76 4.46
CA PRO D 41 -12.18 17.95 3.23
C PRO D 41 -11.63 18.76 2.08
N GLY D 42 -10.52 18.24 1.52
CA GLY D 42 -9.84 18.87 0.37
C GLY D 42 -9.10 20.19 0.63
N LYS D 43 -8.92 20.60 1.88
CA LYS D 43 -8.17 21.84 2.16
C LYS D 43 -6.82 21.49 2.82
N GLY D 44 -6.07 22.54 3.18
CA GLY D 44 -4.77 22.40 3.86
C GLY D 44 -4.82 22.24 5.37
N LEU D 45 -3.69 21.95 5.97
CA LEU D 45 -3.61 21.82 7.42
C LEU D 45 -3.71 23.19 8.07
N GLU D 46 -4.42 23.22 9.19
CA GLU D 46 -4.64 24.47 9.90
C GLU D 46 -4.44 24.21 11.40
N TRP D 47 -3.68 25.07 12.07
CA TRP D 47 -3.36 24.86 13.49
C TRP D 47 -4.64 25.12 14.29
N VAL D 48 -4.93 24.28 15.30
CA VAL D 48 -6.11 24.50 16.18
C VAL D 48 -5.78 25.03 17.58
N GLY D 49 -4.88 24.36 18.30
CA GLY D 49 -4.35 24.89 19.55
C GLY D 49 -3.23 24.06 20.13
N GLN D 50 -2.59 24.55 21.18
CA GLN D 50 -1.56 23.78 21.87
C GLN D 50 -1.57 23.87 23.36
N ILE D 51 -1.07 22.82 23.97
CA ILE D 51 -0.90 22.78 25.40
C ILE D 51 0.62 22.66 25.65
N ARG D 52 1.10 23.34 26.69
CA ARG D 52 2.53 23.40 26.94
C ARG D 52 2.83 22.50 28.12
N LEU D 53 3.95 22.72 28.81
CA LEU D 53 4.43 21.76 29.78
C LEU D 53 3.96 22.02 31.20
N LYS D 54 4.08 21.00 32.07
CA LYS D 54 3.93 21.21 33.52
C LYS D 54 4.71 22.45 33.89
N SER D 55 5.95 22.47 33.45
CA SER D 55 6.89 23.58 33.51
C SER D 55 6.32 24.96 33.12
N ASN D 56 5.32 24.97 32.25
CA ASN D 56 4.71 26.19 31.71
C ASN D 56 3.28 26.33 32.23
N ASN D 57 3.00 25.71 33.36
CA ASN D 57 1.64 25.71 33.92
C ASN D 57 0.60 25.18 32.93
N TYR D 58 1.02 24.24 32.07
CA TYR D 58 0.13 23.62 31.11
C TYR D 58 -0.63 24.67 30.35
N ALA D 59 0.02 25.78 30.04
CA ALA D 59 -0.65 26.86 29.34
C ALA D 59 -1.27 26.38 28.02
N THR D 60 -2.48 26.89 27.74
CA THR D 60 -3.19 26.58 26.50
C THR D 60 -3.30 27.82 25.65
N HIS D 61 -3.31 27.62 24.34
CA HIS D 61 -3.46 28.70 23.35
C HIS D 61 -4.20 28.14 22.14
N TYR D 62 -5.05 28.99 21.53
CA TYR D 62 -6.03 28.51 20.54
C TYR D 62 -5.96 29.34 19.31
N ALA D 63 -6.30 28.75 18.17
CA ALA D 63 -6.34 29.51 16.96
C ALA D 63 -7.54 30.44 17.03
N GLU D 64 -7.50 31.46 16.19
CA GLU D 64 -8.49 32.52 16.07
C GLU D 64 -9.94 32.04 15.79
N SER D 65 -10.06 30.97 15.00
CA SER D 65 -11.36 30.42 14.56
C SER D 65 -12.05 29.65 15.65
N VAL D 66 -11.29 29.21 16.63
CA VAL D 66 -11.95 28.36 17.60
C VAL D 66 -12.10 29.02 18.94
N LYS D 67 -11.27 30.05 19.16
CA LYS D 67 -11.13 30.64 20.48
C LYS D 67 -12.53 30.77 21.16
N GLY D 68 -12.71 30.06 22.28
CA GLY D 68 -13.95 30.01 23.04
C GLY D 68 -14.55 28.62 23.17
N ARG D 69 -14.68 27.94 22.02
CA ARG D 69 -15.54 26.79 21.97
C ARG D 69 -14.80 25.48 22.25
N PHE D 70 -13.49 25.46 22.00
CA PHE D 70 -12.66 24.27 22.21
C PHE D 70 -11.79 24.33 23.47
N THR D 71 -11.79 23.26 24.28
CA THR D 71 -10.85 23.11 25.42
C THR D 71 -9.79 21.96 25.19
N ILE D 72 -8.48 22.29 25.21
CA ILE D 72 -7.39 21.27 25.23
C ILE D 72 -6.85 20.94 26.66
N SER D 73 -6.72 19.66 26.96
CA SER D 73 -6.01 19.17 28.15
C SER D 73 -5.11 17.99 27.76
N ARG D 74 -4.18 17.68 28.66
CA ARG D 74 -3.21 16.62 28.45
C ARG D 74 -3.09 15.89 29.76
N ASP D 75 -2.70 14.63 29.68
CA ASP D 75 -2.30 13.90 30.84
C ASP D 75 -0.95 13.24 30.58
N ASP D 76 0.07 13.72 31.30
CA ASP D 76 1.43 13.28 31.12
C ASP D 76 1.62 11.89 31.66
N SER D 77 0.84 11.51 32.66
CA SER D 77 1.11 10.23 33.32
C SER D 77 0.67 9.04 32.43
N LYS D 78 -0.24 9.31 31.50
CA LYS D 78 -0.68 8.33 30.54
C LYS D 78 -0.49 8.79 29.05
N ASN D 79 0.24 9.89 28.83
CA ASN D 79 0.58 10.36 27.51
C ASN D 79 -0.65 10.60 26.61
N SER D 80 -1.69 11.17 27.21
CA SER D 80 -2.91 11.44 26.48
C SER D 80 -3.12 12.90 26.25
N LEU D 81 -3.89 13.16 25.21
CA LEU D 81 -4.27 14.49 24.81
C LEU D 81 -5.73 14.45 24.46
N TYR D 82 -6.44 15.54 24.78
CA TYR D 82 -7.88 15.61 24.58
C TYR D 82 -8.27 16.91 23.94
N LEU D 83 -9.33 16.86 23.13
CA LEU D 83 -9.99 18.06 22.58
C LEU D 83 -11.51 18.01 22.83
N GLN D 84 -11.97 18.92 23.71
CA GLN D 84 -13.39 19.12 24.01
C GLN D 84 -13.89 20.20 23.09
N MET D 85 -14.72 19.80 22.14
CA MET D 85 -15.25 20.75 21.18
C MET D 85 -16.72 21.05 21.53
N ASN D 86 -17.13 22.30 21.50
CA ASN D 86 -18.51 22.68 21.80
C ASN D 86 -18.98 23.63 20.72
N SER D 87 -20.28 23.85 20.59
CA SER D 87 -20.83 24.85 19.66
C SER D 87 -20.28 24.64 18.24
N LEU D 88 -20.30 23.38 17.80
CA LEU D 88 -19.71 23.02 16.54
C LEU D 88 -20.45 23.63 15.37
N LYS D 89 -19.67 24.14 14.43
CA LYS D 89 -20.19 24.63 13.14
C LYS D 89 -19.81 23.65 11.99
N THR D 90 -20.53 23.78 10.88
CA THR D 90 -20.38 22.92 9.72
C THR D 90 -18.92 22.97 9.25
N GLU D 91 -18.31 24.14 9.37
CA GLU D 91 -16.96 24.31 8.93
C GLU D 91 -15.88 23.87 9.94
N ASP D 92 -16.26 23.24 11.06
CA ASP D 92 -15.31 22.51 11.88
C ASP D 92 -15.16 21.10 11.37
N THR D 93 -15.86 20.76 10.26
CA THR D 93 -15.70 19.45 9.63
C THR D 93 -14.30 19.28 9.11
N ALA D 94 -13.63 18.25 9.62
CA ALA D 94 -12.21 17.95 9.35
C ALA D 94 -11.70 16.63 9.94
N VAL D 95 -10.53 16.22 9.46
CA VAL D 95 -9.77 15.22 10.15
C VAL D 95 -8.99 16.05 11.16
N TYR D 96 -8.95 15.58 12.40
CA TYR D 96 -8.12 16.23 13.44
C TYR D 96 -6.91 15.41 13.83
N TYR D 97 -5.77 16.07 13.85
CA TYR D 97 -4.48 15.47 14.10
C TYR D 97 -3.97 15.91 15.46
N CYS D 98 -3.51 14.96 16.25
CA CYS D 98 -2.90 15.22 17.53
C CYS D 98 -1.40 15.12 17.31
N THR D 99 -0.71 16.24 17.33
CA THR D 99 0.65 16.24 16.87
C THR D 99 1.53 17.32 17.55
N PRO D 100 2.80 16.97 17.87
CA PRO D 100 3.78 17.94 18.36
C PRO D 100 4.45 18.61 17.16
N ILE D 101 3.99 18.23 15.96
CA ILE D 101 4.56 18.68 14.65
C ILE D 101 5.79 17.87 14.25
N ASP D 102 6.64 17.56 15.21
CA ASP D 102 7.75 16.62 15.01
C ASP D 102 7.31 15.27 14.44
N TYR D 103 6.14 14.80 14.87
CA TYR D 103 5.64 13.45 14.57
C TYR D 103 4.17 13.55 14.26
N TRP D 104 3.71 12.65 13.37
CA TRP D 104 2.29 12.59 13.08
C TRP D 104 1.64 11.18 13.13
N GLY D 105 0.35 11.14 13.42
CA GLY D 105 -0.45 9.92 13.43
C GLY D 105 -1.51 10.07 12.32
N GLN D 106 -2.50 9.17 12.29
CA GLN D 106 -3.45 9.03 11.17
C GLN D 106 -4.65 10.02 11.19
N GLY D 107 -4.97 10.60 12.34
CA GLY D 107 -6.07 11.57 12.42
C GLY D 107 -7.39 10.92 12.77
N THR D 108 -8.36 11.71 13.24
CA THR D 108 -9.71 11.21 13.47
C THR D 108 -10.68 12.16 12.77
N THR D 109 -11.70 11.64 12.13
CA THR D 109 -12.55 12.46 11.26
C THR D 109 -13.76 12.99 12.04
N VAL D 110 -14.04 14.30 11.95
CA VAL D 110 -15.18 14.93 12.61
C VAL D 110 -16.10 15.51 11.54
N THR D 111 -17.37 15.07 11.55
CA THR D 111 -18.36 15.51 10.56
C THR D 111 -19.52 16.20 11.31
N VAL D 112 -19.58 17.50 11.12
CA VAL D 112 -20.64 18.30 11.70
C VAL D 112 -21.73 18.51 10.62
N SER D 113 -22.86 17.83 10.76
CA SER D 113 -23.94 18.07 9.81
C SER D 113 -25.31 17.67 10.35
N SER D 114 -26.33 18.22 9.70
CA SER D 114 -27.70 17.95 10.08
C SER D 114 -28.21 16.63 9.50
N ALA D 115 -27.62 16.24 8.37
CA ALA D 115 -28.14 15.17 7.57
C ALA D 115 -28.07 13.78 8.24
N SER D 116 -28.97 12.91 7.79
CA SER D 116 -29.12 11.54 8.26
C SER D 116 -28.07 10.62 7.63
N THR D 117 -27.59 9.66 8.40
CA THR D 117 -26.81 8.54 7.90
C THR D 117 -27.62 7.81 6.84
N LYS D 118 -26.94 7.42 5.75
CA LYS D 118 -27.59 6.63 4.72
C LYS D 118 -26.55 5.77 4.04
N GLY D 119 -26.81 4.46 4.00
CA GLY D 119 -26.02 3.50 3.25
C GLY D 119 -26.27 3.62 1.77
N PRO D 120 -25.26 3.27 0.97
CA PRO D 120 -25.30 3.37 -0.47
C PRO D 120 -26.09 2.26 -1.12
N SER D 121 -26.62 2.54 -2.31
CA SER D 121 -26.97 1.49 -3.25
C SER D 121 -25.75 1.22 -4.14
N VAL D 122 -25.56 -0.04 -4.50
CA VAL D 122 -24.43 -0.42 -5.34
C VAL D 122 -24.94 -1.04 -6.66
N PHE D 123 -24.53 -0.47 -7.79
CA PHE D 123 -25.00 -0.97 -9.06
C PHE D 123 -23.83 -1.44 -9.95
N PRO D 124 -24.01 -2.58 -10.64
CA PRO D 124 -23.00 -3.04 -11.57
C PRO D 124 -22.79 -2.04 -12.72
N LEU D 125 -21.53 -1.88 -13.13
CA LEU D 125 -21.13 -1.25 -14.39
C LEU D 125 -20.57 -2.36 -15.27
N ALA D 126 -21.49 -2.97 -16.01
CA ALA D 126 -21.24 -4.22 -16.70
C ALA D 126 -20.23 -4.13 -17.87
N PRO D 127 -19.32 -5.10 -17.97
CA PRO D 127 -18.18 -5.18 -18.92
C PRO D 127 -18.39 -4.87 -20.41
N SER D 128 -19.54 -5.14 -21.00
CA SER D 128 -19.86 -4.55 -22.33
C SER D 128 -19.37 -5.26 -23.61
N SER D 129 -18.40 -4.66 -24.31
CA SER D 129 -18.02 -5.06 -25.71
C SER D 129 -16.80 -4.30 -26.27
N SER D 133 -14.16 -3.74 -29.68
CA SER D 133 -13.24 -4.65 -29.00
C SER D 133 -12.15 -3.89 -28.17
N GLY D 134 -10.91 -3.84 -28.70
CA GLY D 134 -9.80 -2.99 -28.17
C GLY D 134 -8.58 -3.67 -27.53
N GLY D 135 -8.71 -4.94 -27.14
CA GLY D 135 -7.74 -5.59 -26.26
C GLY D 135 -8.13 -5.52 -24.78
N THR D 136 -8.53 -4.33 -24.32
CA THR D 136 -8.98 -4.10 -22.94
C THR D 136 -10.49 -3.87 -22.84
N ALA D 137 -11.07 -4.45 -21.81
CA ALA D 137 -12.48 -4.27 -21.44
C ALA D 137 -12.47 -3.60 -20.10
N ALA D 138 -13.62 -3.02 -19.72
CA ALA D 138 -13.71 -2.32 -18.45
C ALA D 138 -14.98 -2.68 -17.71
N LEU D 139 -14.91 -2.72 -16.40
CA LEU D 139 -16.10 -3.06 -15.65
C LEU D 139 -16.07 -2.34 -14.32
N GLY D 140 -17.19 -2.30 -13.61
CA GLY D 140 -17.16 -1.68 -12.30
C GLY D 140 -18.43 -1.74 -11.46
N CYS D 141 -18.45 -0.86 -10.46
CA CYS D 141 -19.53 -0.74 -9.46
C CYS D 141 -19.74 0.76 -9.23
N LEU D 142 -20.99 1.19 -9.30
CA LEU D 142 -21.32 2.51 -8.93
C LEU D 142 -21.97 2.41 -7.55
N VAL D 143 -21.57 3.32 -6.67
CA VAL D 143 -21.95 3.28 -5.26
C VAL D 143 -22.66 4.57 -5.03
N LYS D 144 -23.99 4.51 -5.07
CA LYS D 144 -24.75 5.75 -5.05
C LYS D 144 -25.39 6.06 -3.71
N ASP D 145 -25.30 7.34 -3.34
CA ASP D 145 -26.22 7.97 -2.37
C ASP D 145 -25.99 7.56 -0.94
N TYR D 146 -24.83 7.96 -0.42
CA TYR D 146 -24.50 7.62 0.92
C TYR D 146 -24.10 8.87 1.64
N PHE D 147 -24.35 8.88 2.93
CA PHE D 147 -23.83 9.90 3.81
C PHE D 147 -23.55 9.25 5.14
N PRO D 148 -22.47 9.64 5.83
CA PRO D 148 -21.45 10.56 5.32
C PRO D 148 -20.32 9.77 4.65
N GLU D 149 -19.17 10.42 4.47
CA GLU D 149 -17.99 9.70 3.98
C GLU D 149 -17.43 8.92 5.18
N PRO D 150 -16.65 7.85 4.90
CA PRO D 150 -16.37 7.30 3.58
C PRO D 150 -16.98 5.96 3.29
N VAL D 151 -16.66 5.47 2.12
CA VAL D 151 -16.98 4.14 1.71
C VAL D 151 -15.64 3.52 1.36
N THR D 152 -15.56 2.21 1.51
CA THR D 152 -14.41 1.45 1.02
C THR D 152 -14.89 0.50 -0.05
N VAL D 153 -14.05 0.25 -1.06
CA VAL D 153 -14.33 -0.75 -2.09
C VAL D 153 -13.09 -1.65 -2.34
N SER D 154 -13.28 -2.95 -2.22
CA SER D 154 -12.26 -3.84 -2.70
C SER D 154 -12.87 -4.61 -3.84
N TRP D 155 -12.04 -5.35 -4.54
CA TRP D 155 -12.51 -6.23 -5.59
C TRP D 155 -12.06 -7.67 -5.26
N ASN D 156 -12.95 -8.63 -5.43
CA ASN D 156 -12.63 -10.01 -5.18
C ASN D 156 -11.96 -10.27 -3.85
N SER D 157 -12.40 -9.53 -2.81
CA SER D 157 -11.94 -9.63 -1.42
C SER D 157 -10.48 -9.31 -1.27
N GLY D 158 -10.01 -8.34 -2.07
CA GLY D 158 -8.65 -7.87 -1.96
C GLY D 158 -7.66 -8.55 -2.87
N ALA D 159 -8.03 -9.69 -3.46
CA ALA D 159 -7.13 -10.39 -4.41
C ALA D 159 -6.91 -9.54 -5.66
N LEU D 160 -7.92 -8.79 -6.07
CA LEU D 160 -7.82 -8.06 -7.29
C LEU D 160 -7.50 -6.62 -7.01
N THR D 161 -6.33 -6.23 -7.47
CA THR D 161 -5.73 -5.00 -7.04
C THR D 161 -5.21 -4.10 -8.22
N SER D 162 -4.41 -4.69 -9.11
CA SER D 162 -3.80 -3.92 -10.18
C SER D 162 -4.89 -3.58 -11.21
N GLY D 163 -4.86 -2.37 -11.75
CA GLY D 163 -5.80 -1.92 -12.78
C GLY D 163 -7.04 -1.29 -12.15
N VAL D 164 -7.18 -1.45 -10.82
CA VAL D 164 -8.31 -0.87 -10.06
C VAL D 164 -8.22 0.64 -9.92
N HIS D 165 -9.30 1.34 -10.28
CA HIS D 165 -9.39 2.78 -9.98
C HIS D 165 -10.62 3.08 -9.16
N THR D 166 -10.45 3.40 -7.89
CA THR D 166 -11.62 3.74 -7.09
C THR D 166 -11.55 5.22 -6.90
N PHE D 167 -12.45 5.90 -7.59
CA PHE D 167 -12.50 7.33 -7.68
C PHE D 167 -12.88 8.02 -6.35
N PRO D 168 -12.48 9.29 -6.23
CA PRO D 168 -12.87 10.06 -5.08
C PRO D 168 -14.37 10.33 -5.12
N ALA D 169 -15.00 10.17 -3.96
CA ALA D 169 -16.38 10.59 -3.77
C ALA D 169 -16.62 11.99 -4.31
N VAL D 170 -17.74 12.17 -5.00
CA VAL D 170 -18.28 13.48 -5.27
C VAL D 170 -19.60 13.71 -4.48
N LEU D 171 -19.78 14.93 -4.03
CA LEU D 171 -21.03 15.34 -3.37
C LEU D 171 -22.06 15.78 -4.41
N GLN D 172 -23.25 15.16 -4.40
CA GLN D 172 -24.32 15.42 -5.39
C GLN D 172 -25.21 16.58 -4.89
N SER D 173 -25.96 17.26 -5.77
CA SER D 173 -26.77 18.42 -5.30
C SER D 173 -27.73 18.06 -4.15
N SER D 174 -27.98 16.76 -3.98
CA SER D 174 -28.95 16.27 -3.02
C SER D 174 -28.42 16.20 -1.58
N GLY D 175 -27.13 16.45 -1.39
CA GLY D 175 -26.48 16.27 -0.08
C GLY D 175 -25.81 14.90 0.09
N LEU D 176 -25.99 14.01 -0.89
CA LEU D 176 -25.41 12.65 -0.79
C LEU D 176 -24.18 12.49 -1.71
N TYR D 177 -23.35 11.52 -1.33
CA TYR D 177 -22.15 11.23 -2.07
C TYR D 177 -22.38 10.08 -2.99
N SER D 178 -21.52 10.00 -4.00
CA SER D 178 -21.39 8.80 -4.77
C SER D 178 -19.97 8.66 -5.33
N LEU D 179 -19.68 7.42 -5.69
CA LEU D 179 -18.43 7.10 -6.33
C LEU D 179 -18.59 5.91 -7.24
N SER D 180 -17.72 5.86 -8.23
CA SER D 180 -17.56 4.66 -8.99
C SER D 180 -16.18 4.07 -8.73
N SER D 181 -16.07 2.76 -8.85
CA SER D 181 -14.82 2.04 -8.76
C SER D 181 -14.80 1.10 -9.94
N VAL D 182 -13.72 1.15 -10.72
CA VAL D 182 -13.57 0.33 -11.95
C VAL D 182 -12.31 -0.50 -11.99
N VAL D 183 -12.29 -1.39 -12.98
CA VAL D 183 -11.12 -2.20 -13.30
C VAL D 183 -11.13 -2.45 -14.80
N THR D 184 -9.97 -2.29 -15.42
CA THR D 184 -9.78 -2.73 -16.78
C THR D 184 -9.06 -4.03 -16.74
N VAL D 185 -9.46 -4.94 -17.62
CA VAL D 185 -8.97 -6.28 -17.72
C VAL D 185 -8.71 -6.57 -19.21
N PRO D 186 -7.67 -7.37 -19.51
CA PRO D 186 -7.54 -7.92 -20.87
C PRO D 186 -8.88 -8.52 -21.26
N SER D 187 -9.36 -8.28 -22.49
CA SER D 187 -10.71 -8.79 -22.89
C SER D 187 -11.01 -10.19 -22.44
N SER D 188 -10.00 -11.05 -22.62
CA SER D 188 -10.20 -12.50 -22.43
C SER D 188 -10.37 -12.99 -21.01
N SER D 189 -9.72 -12.32 -20.05
CA SER D 189 -10.02 -12.50 -18.63
C SER D 189 -11.41 -11.90 -18.55
N LEU D 190 -12.38 -12.62 -18.03
CA LEU D 190 -13.80 -12.34 -18.36
C LEU D 190 -14.47 -13.63 -18.83
N GLY D 191 -13.68 -14.50 -19.48
CA GLY D 191 -14.12 -15.89 -19.72
C GLY D 191 -13.51 -16.70 -18.60
N THR D 192 -12.61 -16.05 -17.88
CA THR D 192 -11.62 -16.71 -17.04
C THR D 192 -11.75 -16.27 -15.57
N GLN D 193 -12.43 -15.14 -15.38
CA GLN D 193 -12.48 -14.50 -14.10
C GLN D 193 -13.89 -14.11 -13.66
N THR D 194 -14.09 -14.04 -12.34
CA THR D 194 -15.31 -13.51 -11.76
C THR D 194 -14.97 -12.22 -10.98
N TYR D 195 -15.89 -11.25 -11.04
CA TYR D 195 -15.64 -9.96 -10.47
C TYR D 195 -16.76 -9.56 -9.51
N ILE D 196 -16.36 -9.33 -8.26
CA ILE D 196 -17.28 -9.00 -7.18
C ILE D 196 -16.62 -7.82 -6.56
N CYS D 197 -17.36 -6.71 -6.46
CA CYS D 197 -16.89 -5.56 -5.70
C CYS D 197 -17.42 -5.62 -4.26
N ASN D 198 -16.56 -5.38 -3.29
CA ASN D 198 -16.98 -5.47 -1.90
C ASN D 198 -17.05 -4.08 -1.31
N VAL D 199 -18.27 -3.58 -1.06
CA VAL D 199 -18.48 -2.20 -0.63
C VAL D 199 -18.82 -2.10 0.87
N ASN D 200 -18.13 -1.24 1.60
CA ASN D 200 -18.33 -1.11 3.03
C ASN D 200 -18.59 0.36 3.37
N HIS D 201 -19.77 0.63 3.92
CA HIS D 201 -20.09 1.97 4.43
C HIS D 201 -20.40 1.78 5.91
N LYS D 202 -19.45 2.23 6.72
CA LYS D 202 -19.43 1.82 8.11
C LYS D 202 -20.45 2.55 8.98
N PRO D 203 -20.62 3.89 8.76
CA PRO D 203 -21.63 4.56 9.61
C PRO D 203 -23.03 3.95 9.51
N SER D 204 -23.36 3.34 8.38
CA SER D 204 -24.65 2.68 8.22
C SER D 204 -24.55 1.15 8.31
N ASN D 205 -23.40 0.61 8.71
CA ASN D 205 -23.22 -0.83 8.75
C ASN D 205 -23.59 -1.55 7.45
N THR D 206 -23.38 -0.85 6.33
CA THR D 206 -23.66 -1.43 5.01
C THR D 206 -22.42 -2.08 4.47
N LYS D 207 -22.66 -3.14 3.72
CA LYS D 207 -21.62 -4.04 3.31
C LYS D 207 -22.30 -4.89 2.25
N VAL D 208 -22.00 -4.54 0.99
CA VAL D 208 -22.59 -5.17 -0.19
C VAL D 208 -21.47 -5.92 -0.95
N ASP D 209 -21.78 -7.13 -1.41
CA ASP D 209 -20.92 -7.85 -2.36
C ASP D 209 -21.65 -7.94 -3.67
N LYS D 210 -21.25 -7.16 -4.67
CA LYS D 210 -21.96 -7.18 -5.93
C LYS D 210 -21.18 -7.84 -7.09
N LYS D 211 -21.80 -8.82 -7.72
CA LYS D 211 -21.23 -9.53 -8.85
C LYS D 211 -21.50 -8.69 -10.09
N VAL D 212 -20.46 -8.55 -10.92
CA VAL D 212 -20.49 -7.77 -12.17
C VAL D 212 -20.25 -8.76 -13.34
N GLU D 213 -21.18 -8.81 -14.29
CA GLU D 213 -21.23 -9.90 -15.30
C GLU D 213 -21.30 -9.59 -16.84
N PRO D 214 -22.46 -9.13 -17.36
CA PRO D 214 -22.67 -9.01 -18.82
C PRO D 214 -23.12 -7.61 -19.25
N ASP E 2 2.08 -1.19 -28.42
CA ASP E 2 2.92 0.01 -28.76
C ASP E 2 4.41 -0.35 -29.11
N THR E 3 5.24 -0.65 -28.09
CA THR E 3 6.72 -0.86 -28.19
C THR E 3 7.16 -2.30 -28.53
N SER E 4 8.31 -2.49 -29.16
CA SER E 4 8.82 -3.86 -29.37
C SER E 4 9.72 -4.42 -28.24
N GLN E 5 9.71 -5.74 -28.09
CA GLN E 5 10.35 -6.48 -27.01
C GLN E 5 11.86 -6.31 -27.02
N THR E 6 12.45 -6.11 -25.84
CA THR E 6 13.88 -5.82 -25.67
C THR E 6 14.53 -6.76 -24.63
N SER E 7 13.78 -7.72 -24.07
CA SER E 7 14.38 -8.66 -23.10
C SER E 7 15.01 -9.84 -23.79
N SER E 8 14.53 -10.14 -25.00
CA SER E 8 15.05 -11.18 -25.86
C SER E 8 15.00 -10.74 -27.35
N PRO E 9 15.70 -11.46 -28.26
CA PRO E 9 15.78 -10.94 -29.66
C PRO E 9 14.62 -11.36 -30.54
N SER E 10 13.39 -11.08 -30.10
CA SER E 10 12.19 -11.52 -30.81
C SER E 10 12.12 -10.82 -32.13
N ASN F 1 16.41 10.89 28.69
CA ASN F 1 16.63 9.79 27.66
C ASN F 1 15.55 9.70 26.50
N ASP F 2 15.89 10.21 25.30
CA ASP F 2 15.23 9.75 24.05
C ASP F 2 15.58 10.53 22.80
N THR F 3 14.75 11.54 22.46
CA THR F 3 15.09 12.56 21.46
C THR F 3 14.98 13.94 22.15
N SER F 4 14.08 14.81 21.64
CA SER F 4 13.99 16.24 22.02
C SER F 4 13.27 17.09 20.95
N GLN F 5 12.25 17.84 21.36
CA GLN F 5 11.38 18.56 20.40
C GLN F 5 12.11 19.65 19.63
N THR F 6 11.88 19.71 18.32
CA THR F 6 12.51 20.76 17.52
C THR F 6 11.57 21.66 16.69
N SER F 7 10.31 21.30 16.48
CA SER F 7 9.40 22.16 15.65
C SER F 7 9.05 23.49 16.32
N SER F 8 9.13 23.49 17.65
CA SER F 8 8.73 24.64 18.49
C SER F 8 9.65 24.76 19.68
N PRO F 9 9.84 26.01 20.17
CA PRO F 9 10.84 26.35 21.21
C PRO F 9 10.51 25.87 22.61
N SER F 10 9.73 24.81 22.70
CA SER F 10 9.51 24.08 23.89
C SER F 10 10.67 24.22 24.90
ZN ZN G . 13.70 8.01 -4.40
ZN ZN H . 7.43 -6.62 -38.41
ZN ZN I . -6.03 2.12 -15.15
ZN ZN J . 5.98 -2.06 14.99
CA OPE K . 9.94 -9.10 -33.97
CB OPE K . 10.67 -10.29 -34.59
O1 OPE K . 10.86 -6.56 -35.37
O2 OPE K . 8.66 -6.13 -34.40
O3 OPE K . 8.73 -7.09 -36.79
O4 OPE K . 9.13 -8.48 -34.96
N OPE K . 11.00 -11.25 -33.54
P OPE K . 9.38 -6.97 -35.42
ZN ZN L . 12.26 -5.47 -34.81
CA OPE M . 14.70 23.71 24.52
CB OPE M . 13.54 23.15 25.33
O1 OPE M . 16.82 25.70 25.01
O2 OPE M . 15.55 27.36 23.63
O3 OPE M . 16.38 25.21 22.58
O4 OPE M . 14.57 25.09 24.16
N OPE M . 12.22 23.38 24.71
P OPE M . 15.90 25.92 23.80
#